data_4NTS
#
_entry.id   4NTS
#
_cell.length_a   50.960
_cell.length_b   142.610
_cell.length_c   63.160
_cell.angle_alpha   90.00
_cell.angle_beta   103.65
_cell.angle_gamma   90.00
#
_symmetry.space_group_name_H-M   'P 1 21 1'
#
loop_
_entity.id
_entity.type
_entity.pdbx_description
1 polymer 'cAMP-dependent protein kinase catalytic subunit alpha'
2 non-polymer 'MYRISTIC ACID'
#
_entity_poly.entity_id   1
_entity_poly.type   'polypeptide(L)'
_entity_poly.pdbx_seq_one_letter_code
;GNAAAACKGSEQESVKEFLAKAKEDFLKKWETPSQNTAQLDQFDRIKTLGTGSFGRVMLVKHKESGNHYAMKILDKQKVV
KLKQIEHTLNEKRILQAVNFPFLVKLEFSFKDNSNLYMVMEYVAGGEMFSHLRRIGRFSEPHARFYAAQIVLTFEYLHSL
DLIYRDLKPENLLIDQQGYIQVTDFGFAKRVKGRTW(TPO)LCGTPEYLAPEIILSKGYNKAVDWWALGVLIYEMAAGYP
PFFADQPIQIYEKIVSGKVRFPSHFSSDLKDLLRNLLQVDLTKRFGNLKNGVNDIKNHKWFATTDWIAIYQRKVEAPFIP
KFKGPGDTSNFDDYEEEEIRV(SEP)INEKCGKEFTEF
;
_entity_poly.pdbx_strand_id   A,B
#
loop_
_chem_comp.id
_chem_comp.type
_chem_comp.name
_chem_comp.formula
MYR non-polymer 'MYRISTIC ACID' 'C14 H28 O2'
#
# COMPACT_ATOMS: atom_id res chain seq x y z
N LYS A 8 1.56 -21.48 6.11
CA LYS A 8 0.70 -22.67 5.89
C LYS A 8 -0.34 -22.83 7.00
N GLY A 9 -1.45 -23.48 6.66
CA GLY A 9 -2.52 -23.78 7.61
C GLY A 9 -2.05 -24.80 8.64
N SER A 10 -2.23 -24.46 9.91
CA SER A 10 -1.71 -25.22 11.06
C SER A 10 -0.26 -24.85 11.40
N GLU A 11 0.50 -24.45 10.38
CA GLU A 11 1.81 -23.86 10.58
C GLU A 11 1.62 -22.44 11.14
N GLN A 12 0.51 -21.83 10.74
CA GLN A 12 0.06 -20.56 11.32
C GLN A 12 -0.25 -20.74 12.81
N GLU A 13 -0.62 -21.97 13.19
CA GLU A 13 -0.87 -22.33 14.58
C GLU A 13 0.42 -22.54 15.36
N SER A 14 1.49 -22.89 14.65
CA SER A 14 2.82 -23.13 15.26
C SER A 14 3.39 -21.89 15.98
N VAL A 15 2.71 -20.74 15.84
CA VAL A 15 3.07 -19.52 16.57
C VAL A 15 2.83 -19.74 18.08
N LYS A 16 1.70 -20.37 18.40
CA LYS A 16 1.34 -20.69 19.78
C LYS A 16 2.37 -21.61 20.45
N GLU A 17 3.03 -22.45 19.66
CA GLU A 17 4.06 -23.36 20.15
C GLU A 17 5.27 -22.63 20.72
N PHE A 18 5.68 -21.56 20.04
CA PHE A 18 6.76 -20.70 20.54
C PHE A 18 6.31 -19.88 21.75
N LEU A 19 5.09 -19.36 21.70
CA LEU A 19 4.53 -18.54 22.77
C LEU A 19 4.42 -19.30 24.09
N ALA A 20 4.03 -20.57 23.98
CA ALA A 20 3.96 -21.47 25.13
C ALA A 20 5.34 -21.58 25.79
N LYS A 21 6.34 -21.92 24.98
CA LYS A 21 7.72 -22.02 25.44
C LYS A 21 8.30 -20.69 25.92
N ALA A 22 7.80 -19.59 25.37
CA ALA A 22 8.25 -18.24 25.72
C ALA A 22 7.78 -17.81 27.12
N LYS A 23 6.52 -18.13 27.43
CA LYS A 23 5.91 -17.77 28.71
C LYS A 23 6.47 -18.62 29.85
N GLU A 24 6.56 -19.94 29.62
CA GLU A 24 7.10 -20.88 30.59
C GLU A 24 8.56 -20.57 30.92
N ASP A 25 9.26 -19.98 29.94
CA ASP A 25 10.65 -19.58 30.14
C ASP A 25 10.75 -18.23 30.84
N PHE A 26 9.75 -17.38 30.61
CA PHE A 26 9.67 -16.06 31.24
C PHE A 26 9.40 -16.19 32.73
N LEU A 27 8.32 -16.88 33.07
CA LEU A 27 7.90 -17.04 34.46
C LEU A 27 9.03 -17.57 35.32
N LYS A 28 9.66 -18.65 34.88
CA LYS A 28 10.81 -19.25 35.56
C LYS A 28 11.77 -18.17 36.06
N LYS A 29 12.12 -17.25 35.17
CA LYS A 29 13.02 -16.14 35.46
C LYS A 29 12.34 -15.03 36.24
N TRP A 30 11.05 -14.82 35.98
CA TRP A 30 10.25 -13.79 36.64
C TRP A 30 10.03 -14.11 38.11
N GLU A 31 9.91 -15.41 38.41
CA GLU A 31 9.64 -15.92 39.75
C GLU A 31 10.90 -15.89 40.62
N THR A 32 11.97 -16.52 40.13
CA THR A 32 13.26 -16.49 40.79
C THR A 32 14.30 -15.81 39.88
N PRO A 33 14.48 -14.49 40.05
CA PRO A 33 15.33 -13.67 39.17
C PRO A 33 16.82 -13.85 39.46
N SER A 34 17.65 -13.58 38.45
CA SER A 34 19.10 -13.70 38.61
C SER A 34 19.69 -12.50 39.34
N GLN A 35 20.80 -12.71 40.04
CA GLN A 35 21.49 -11.65 40.77
C GLN A 35 22.99 -11.87 40.70
N ASN A 36 23.73 -10.77 40.54
CA ASN A 36 25.19 -10.83 40.49
C ASN A 36 25.67 -11.91 39.54
N THR A 37 25.36 -11.77 38.26
CA THR A 37 25.83 -12.73 37.25
C THR A 37 27.27 -12.42 36.81
N ALA A 38 27.79 -11.28 37.28
CA ALA A 38 29.17 -10.87 37.03
C ALA A 38 29.67 -10.02 38.20
N GLN A 39 30.95 -9.64 38.14
CA GLN A 39 31.53 -8.65 39.07
C GLN A 39 32.41 -7.65 38.31
N LEU A 40 32.55 -6.45 38.86
CA LEU A 40 33.20 -5.32 38.18
C LEU A 40 34.60 -5.62 37.61
N ASP A 41 35.41 -6.37 38.36
CA ASP A 41 36.76 -6.72 37.94
C ASP A 41 36.81 -7.88 36.93
N GLN A 42 35.71 -8.07 36.21
CA GLN A 42 35.66 -9.01 35.09
C GLN A 42 35.67 -8.27 33.76
N PHE A 43 35.64 -6.94 33.83
CA PHE A 43 35.58 -6.08 32.66
C PHE A 43 36.69 -5.03 32.65
N ASP A 44 37.06 -4.59 31.46
CA ASP A 44 38.03 -3.51 31.29
C ASP A 44 37.35 -2.30 30.64
N ARG A 45 37.45 -1.15 31.31
CA ARG A 45 36.85 0.09 30.83
C ARG A 45 37.59 0.56 29.59
N ILE A 46 36.86 0.66 28.48
CA ILE A 46 37.44 1.10 27.21
C ILE A 46 37.24 2.61 27.05
N LYS A 47 35.98 3.04 27.06
CA LYS A 47 35.63 4.44 26.94
C LYS A 47 34.36 4.75 27.74
N THR A 48 34.17 6.02 28.06
CA THR A 48 32.94 6.47 28.68
C THR A 48 32.04 7.05 27.59
N LEU A 49 30.93 6.35 27.32
CA LEU A 49 30.03 6.68 26.22
C LEU A 49 29.18 7.92 26.51
N GLY A 50 28.66 8.01 27.74
CA GLY A 50 27.84 9.14 28.14
C GLY A 50 27.61 9.19 29.64
N THR A 51 27.21 10.36 30.13
CA THR A 51 26.91 10.55 31.56
C THR A 51 25.55 11.21 31.74
N GLY A 52 24.73 10.63 32.62
CA GLY A 52 23.40 11.16 32.95
C GLY A 52 23.22 11.49 34.42
N SER A 53 21.97 11.61 34.85
CA SER A 53 21.64 11.90 36.25
C SER A 53 21.83 10.68 37.14
N PHE A 54 21.53 9.49 36.60
CA PHE A 54 21.70 8.22 37.31
C PHE A 54 23.18 7.94 37.54
N GLY A 55 23.98 8.24 36.52
CA GLY A 55 25.42 7.99 36.56
C GLY A 55 25.99 8.15 35.17
N ARG A 56 26.61 7.07 34.67
CA ARG A 56 27.22 7.09 33.33
C ARG A 56 27.26 5.72 32.68
N VAL A 57 27.31 5.73 31.35
CA VAL A 57 27.42 4.51 30.55
C VAL A 57 28.83 4.42 29.97
N MET A 58 29.44 3.25 30.13
CA MET A 58 30.78 2.99 29.62
C MET A 58 30.81 1.81 28.66
N LEU A 59 31.64 1.93 27.63
CA LEU A 59 31.93 0.80 26.75
C LEU A 59 32.95 -0.08 27.45
N VAL A 60 32.66 -1.37 27.53
CA VAL A 60 33.52 -2.30 28.29
C VAL A 60 33.90 -3.54 27.47
N LYS A 61 35.02 -4.15 27.83
CA LYS A 61 35.46 -5.40 27.22
C LYS A 61 35.51 -6.51 28.27
N HIS A 62 34.74 -7.57 28.03
CA HIS A 62 34.74 -8.74 28.91
C HIS A 62 36.04 -9.50 28.72
N LYS A 63 36.88 -9.51 29.76
CA LYS A 63 38.24 -10.04 29.68
C LYS A 63 38.33 -11.50 29.21
N GLU A 64 37.33 -12.30 29.56
CA GLU A 64 37.31 -13.73 29.21
C GLU A 64 36.93 -14.00 27.74
N SER A 65 36.17 -13.09 27.14
CA SER A 65 35.66 -13.29 25.79
C SER A 65 36.16 -12.23 24.79
N GLY A 66 36.37 -11.02 25.28
CA GLY A 66 36.75 -9.90 24.42
C GLY A 66 35.54 -9.26 23.77
N ASN A 67 34.35 -9.60 24.29
CA ASN A 67 33.08 -9.04 23.83
C ASN A 67 32.86 -7.64 24.40
N HIS A 68 32.09 -6.82 23.68
CA HIS A 68 31.85 -5.45 24.09
C HIS A 68 30.41 -5.18 24.52
N TYR A 69 30.28 -4.49 25.64
CA TYR A 69 28.98 -4.13 26.19
C TYR A 69 28.92 -2.65 26.56
N ALA A 70 27.71 -2.15 26.75
CA ALA A 70 27.48 -0.82 27.32
C ALA A 70 26.99 -0.99 28.75
N MET A 71 27.92 -0.92 29.70
CA MET A 71 27.60 -1.04 31.11
C MET A 71 26.99 0.26 31.61
N LYS A 72 25.87 0.16 32.32
CA LYS A 72 25.25 1.33 32.92
C LYS A 72 25.53 1.33 34.41
N ILE A 73 26.23 2.36 34.87
CA ILE A 73 26.47 2.55 36.28
C ILE A 73 25.44 3.54 36.77
N LEU A 74 24.75 3.20 37.84
CA LEU A 74 23.79 4.11 38.43
C LEU A 74 24.01 4.21 39.94
N ASP A 75 24.25 5.42 40.41
CA ASP A 75 24.56 5.69 41.81
C ASP A 75 23.33 5.41 42.70
N LYS A 76 23.48 4.45 43.61
CA LYS A 76 22.43 4.07 44.55
C LYS A 76 21.81 5.31 45.19
N GLN A 77 22.67 6.14 45.78
CA GLN A 77 22.23 7.32 46.52
C GLN A 77 21.59 8.38 45.61
N LYS A 78 22.02 8.44 44.36
CA LYS A 78 21.48 9.40 43.40
C LYS A 78 20.10 8.97 42.88
N VAL A 79 19.90 7.66 42.80
CA VAL A 79 18.59 7.10 42.44
C VAL A 79 17.57 7.38 43.55
N VAL A 80 17.92 7.03 44.78
CA VAL A 80 17.08 7.29 45.95
C VAL A 80 16.62 8.75 46.01
N LYS A 81 17.55 9.68 45.77
CA LYS A 81 17.23 11.11 45.66
C LYS A 81 16.20 11.40 44.57
N LEU A 82 16.44 10.86 43.38
CA LEU A 82 15.60 11.10 42.21
C LEU A 82 14.26 10.35 42.28
N LYS A 83 14.05 9.62 43.37
CA LYS A 83 12.83 8.83 43.60
C LYS A 83 12.57 7.86 42.45
N GLN A 84 13.56 7.01 42.17
CA GLN A 84 13.57 6.15 40.99
C GLN A 84 13.79 4.68 41.36
N ILE A 85 13.72 4.39 42.65
CA ILE A 85 13.90 3.04 43.18
C ILE A 85 13.01 2.00 42.48
N GLU A 86 11.73 2.34 42.32
CA GLU A 86 10.73 1.42 41.77
C GLU A 86 10.94 1.12 40.28
N HIS A 87 11.22 2.16 39.50
CA HIS A 87 11.47 2.06 38.06
C HIS A 87 12.68 1.18 37.79
N THR A 88 13.78 1.50 38.50
CA THR A 88 15.04 0.79 38.38
C THR A 88 14.86 -0.71 38.60
N LEU A 89 14.27 -1.06 39.75
CA LEU A 89 13.99 -2.44 40.10
C LEU A 89 13.07 -3.14 39.11
N ASN A 90 11.98 -2.46 38.74
CA ASN A 90 11.04 -3.01 37.76
C ASN A 90 11.67 -3.21 36.38
N GLU A 91 12.45 -2.23 35.92
CA GLU A 91 13.13 -2.35 34.64
C GLU A 91 14.06 -3.55 34.62
N LYS A 92 14.84 -3.69 35.68
CA LYS A 92 15.80 -4.78 35.79
C LYS A 92 15.09 -6.13 35.78
N ARG A 93 14.09 -6.27 36.66
CA ARG A 93 13.34 -7.52 36.80
C ARG A 93 12.65 -7.94 35.51
N ILE A 94 12.15 -6.95 34.76
CA ILE A 94 11.59 -7.22 33.44
C ILE A 94 12.71 -7.65 32.49
N LEU A 95 13.74 -6.82 32.35
CA LEU A 95 14.85 -7.11 31.42
C LEU A 95 15.53 -8.44 31.70
N GLN A 96 15.70 -8.75 32.98
CA GLN A 96 16.33 -9.99 33.42
C GLN A 96 15.56 -11.22 32.93
N ALA A 97 14.24 -11.08 32.84
CA ALA A 97 13.33 -12.20 32.53
C ALA A 97 12.97 -12.29 31.06
N VAL A 98 13.17 -11.20 30.33
CA VAL A 98 12.73 -11.08 28.94
C VAL A 98 13.74 -11.69 27.95
N ASN A 99 13.24 -12.09 26.78
CA ASN A 99 14.07 -12.68 25.72
C ASN A 99 13.40 -12.54 24.34
N PHE A 100 13.82 -11.52 23.59
CA PHE A 100 13.29 -11.30 22.23
C PHE A 100 14.27 -10.46 21.41
N PRO A 101 14.54 -10.88 20.16
CA PRO A 101 15.50 -10.26 19.25
C PRO A 101 15.41 -8.73 19.18
N PHE A 102 14.20 -8.19 19.18
CA PHE A 102 14.00 -6.73 19.04
C PHE A 102 13.93 -6.00 20.37
N LEU A 103 14.37 -6.66 21.43
CA LEU A 103 14.50 -6.04 22.75
C LEU A 103 15.96 -6.00 23.14
N VAL A 104 16.37 -4.96 23.86
CA VAL A 104 17.73 -4.90 24.38
C VAL A 104 17.94 -6.08 25.31
N LYS A 105 19.14 -6.64 25.30
CA LYS A 105 19.43 -7.80 26.13
C LYS A 105 20.35 -7.43 27.28
N LEU A 106 19.82 -7.56 28.50
CA LEU A 106 20.62 -7.44 29.70
C LEU A 106 21.46 -8.70 29.80
N GLU A 107 22.74 -8.58 29.47
CA GLU A 107 23.65 -9.71 29.54
C GLU A 107 24.03 -10.02 30.98
N PHE A 108 24.49 -9.00 31.71
CA PHE A 108 24.82 -9.17 33.11
C PHE A 108 24.18 -8.10 33.97
N SER A 109 24.19 -8.34 35.28
CA SER A 109 23.60 -7.44 36.26
C SER A 109 24.23 -7.71 37.60
N PHE A 110 24.66 -6.66 38.30
CA PHE A 110 25.23 -6.78 39.64
C PHE A 110 25.28 -5.46 40.38
N LYS A 111 25.79 -5.48 41.61
CA LYS A 111 25.94 -4.27 42.41
C LYS A 111 27.11 -4.41 43.38
N ASP A 112 27.54 -3.27 43.93
CA ASP A 112 28.49 -3.25 45.03
C ASP A 112 28.01 -2.24 46.08
N ASN A 113 28.90 -1.80 46.96
CA ASN A 113 28.56 -0.85 48.00
C ASN A 113 28.00 0.47 47.47
N SER A 114 28.56 0.94 46.35
CA SER A 114 28.33 2.31 45.90
C SER A 114 27.29 2.49 44.78
N ASN A 115 27.15 1.52 43.89
CA ASN A 115 26.26 1.65 42.73
C ASN A 115 25.77 0.35 42.10
N LEU A 116 24.73 0.45 41.27
CA LEU A 116 24.16 -0.68 40.55
C LEU A 116 24.74 -0.75 39.16
N TYR A 117 24.83 -1.96 38.61
CA TYR A 117 25.47 -2.19 37.30
C TYR A 117 24.56 -2.99 36.36
N MET A 118 24.24 -2.39 35.23
CA MET A 118 23.51 -3.11 34.20
C MET A 118 24.35 -3.19 32.94
N VAL A 119 24.79 -4.41 32.63
CA VAL A 119 25.68 -4.65 31.49
C VAL A 119 24.87 -5.03 30.25
N MET A 120 24.81 -4.10 29.31
CA MET A 120 23.90 -4.19 28.17
C MET A 120 24.63 -4.43 26.86
N GLU A 121 24.05 -5.27 26.01
CA GLU A 121 24.56 -5.48 24.65
C GLU A 121 24.64 -4.14 23.92
N TYR A 122 25.86 -3.80 23.51
CA TYR A 122 26.14 -2.50 22.91
C TYR A 122 25.61 -2.40 21.48
N VAL A 123 24.84 -1.35 21.21
CA VAL A 123 24.22 -1.15 19.89
C VAL A 123 24.64 0.15 19.20
N ALA A 124 25.51 0.00 18.20
CA ALA A 124 25.94 1.11 17.37
C ALA A 124 24.84 1.45 16.37
N GLY A 125 24.35 2.68 16.45
CA GLY A 125 23.22 3.13 15.64
C GLY A 125 22.32 3.95 16.55
N GLY A 126 21.91 5.12 16.08
CA GLY A 126 21.21 6.09 16.94
C GLY A 126 19.79 5.75 17.33
N GLU A 127 19.08 6.75 17.84
CA GLU A 127 17.66 6.66 18.13
C GLU A 127 16.84 6.81 16.84
N MET A 128 15.62 6.26 16.86
CA MET A 128 14.68 6.38 15.76
C MET A 128 14.28 7.84 15.56
N PHE A 129 14.16 8.56 16.67
CA PHE A 129 13.76 9.98 16.64
C PHE A 129 14.68 10.81 15.75
N SER A 130 15.94 10.94 16.17
CA SER A 130 16.93 11.72 15.42
C SER A 130 17.10 11.25 13.99
N HIS A 131 17.05 9.94 13.77
CA HIS A 131 17.15 9.40 12.41
C HIS A 131 15.97 9.83 11.54
N LEU A 132 14.78 9.85 12.11
CA LEU A 132 13.58 10.31 11.41
C LEU A 132 13.68 11.79 11.04
N ARG A 133 14.41 12.56 11.84
CA ARG A 133 14.65 13.97 11.55
C ARG A 133 15.52 14.12 10.31
N ARG A 134 16.53 13.27 10.22
CA ARG A 134 17.50 13.27 9.13
C ARG A 134 16.82 13.01 7.79
N ILE A 135 16.15 11.86 7.70
CA ILE A 135 15.43 11.47 6.51
C ILE A 135 14.21 12.38 6.27
N GLY A 136 13.56 12.78 7.36
CA GLY A 136 12.34 13.59 7.30
C GLY A 136 11.10 12.74 7.51
N ARG A 137 10.91 11.78 6.59
CA ARG A 137 9.83 10.79 6.67
C ARG A 137 10.31 9.54 5.95
N PHE A 138 9.80 8.39 6.35
CA PHE A 138 10.17 7.13 5.69
C PHE A 138 9.16 6.76 4.62
N SER A 139 9.63 6.10 3.56
CA SER A 139 8.73 5.51 2.57
C SER A 139 8.01 4.33 3.23
N GLU A 140 6.76 4.12 2.84
CA GLU A 140 5.90 3.13 3.51
C GLU A 140 6.51 1.72 3.64
N PRO A 141 7.25 1.24 2.62
CA PRO A 141 8.05 0.01 2.78
C PRO A 141 9.10 0.06 3.89
N HIS A 142 9.71 1.22 4.11
CA HIS A 142 10.65 1.42 5.23
C HIS A 142 9.91 1.32 6.56
N ALA A 143 8.75 1.99 6.65
CA ALA A 143 7.93 2.00 7.86
C ALA A 143 7.29 0.64 8.13
N ARG A 144 6.98 -0.08 7.05
CA ARG A 144 6.45 -1.44 7.12
C ARG A 144 7.44 -2.37 7.81
N PHE A 145 8.72 -2.19 7.49
CA PHE A 145 9.80 -2.96 8.08
C PHE A 145 9.94 -2.71 9.58
N TYR A 146 9.80 -1.45 9.99
CA TYR A 146 9.88 -1.12 11.42
C TYR A 146 8.62 -1.51 12.18
N ALA A 147 7.45 -1.21 11.60
CA ALA A 147 6.18 -1.62 12.20
C ALA A 147 6.15 -3.11 12.52
N ALA A 148 6.38 -3.94 11.50
CA ALA A 148 6.36 -5.39 11.63
C ALA A 148 7.15 -5.91 12.84
N GLN A 149 8.29 -5.28 13.13
CA GLN A 149 9.11 -5.63 14.29
C GLN A 149 8.42 -5.24 15.59
N ILE A 150 7.88 -4.02 15.63
CA ILE A 150 7.18 -3.54 16.82
C ILE A 150 5.95 -4.41 17.11
N VAL A 151 5.29 -4.84 16.04
CA VAL A 151 4.13 -5.74 16.14
C VAL A 151 4.51 -7.05 16.85
N LEU A 152 5.49 -7.76 16.28
CA LEU A 152 5.94 -9.03 16.84
C LEU A 152 6.43 -8.87 18.27
N THR A 153 7.17 -7.79 18.52
CA THR A 153 7.59 -7.44 19.87
C THR A 153 6.37 -7.39 20.80
N PHE A 154 5.36 -6.63 20.38
CA PHE A 154 4.14 -6.45 21.16
C PHE A 154 3.37 -7.76 21.34
N GLU A 155 3.28 -8.56 20.28
CA GLU A 155 2.66 -9.88 20.41
C GLU A 155 3.31 -10.58 21.59
N TYR A 156 4.64 -10.69 21.52
CA TYR A 156 5.44 -11.36 22.52
C TYR A 156 5.16 -10.87 23.93
N LEU A 157 5.31 -9.55 24.14
CA LEU A 157 5.18 -8.95 25.47
C LEU A 157 3.80 -9.10 26.06
N HIS A 158 2.77 -8.81 25.28
CA HIS A 158 1.38 -9.05 25.67
C HIS A 158 1.13 -10.48 26.13
N SER A 159 1.76 -11.45 25.45
CA SER A 159 1.67 -12.86 25.82
C SER A 159 2.06 -13.09 27.29
N LEU A 160 3.12 -12.42 27.72
CA LEU A 160 3.58 -12.47 29.10
C LEU A 160 2.83 -11.46 29.99
N ASP A 161 1.69 -10.98 29.52
CA ASP A 161 0.81 -10.08 30.27
C ASP A 161 1.53 -8.80 30.69
N LEU A 162 2.32 -8.26 29.76
CA LEU A 162 3.11 -7.05 29.97
C LEU A 162 2.68 -5.96 29.01
N ILE A 163 2.21 -4.83 29.56
CA ILE A 163 2.01 -3.63 28.76
C ILE A 163 3.38 -2.97 28.64
N TYR A 164 3.69 -2.36 27.49
CA TYR A 164 4.97 -1.67 27.33
C TYR A 164 4.90 -0.20 27.76
N ARG A 165 3.84 0.50 27.35
CA ARG A 165 3.47 1.80 27.92
C ARG A 165 4.44 2.96 27.63
N ASP A 166 5.39 2.77 26.74
CA ASP A 166 6.36 3.82 26.47
C ASP A 166 6.91 3.78 25.06
N LEU A 167 6.04 3.47 24.10
CA LEU A 167 6.47 3.40 22.70
C LEU A 167 6.55 4.78 22.09
N LYS A 168 7.76 5.13 21.67
CA LYS A 168 8.07 6.42 21.05
C LYS A 168 9.43 6.31 20.35
N PRO A 169 9.67 7.12 19.30
CA PRO A 169 10.88 7.00 18.47
C PRO A 169 12.20 7.03 19.25
N GLU A 170 12.24 7.76 20.36
CA GLU A 170 13.43 7.84 21.19
C GLU A 170 13.77 6.51 21.87
N ASN A 171 12.75 5.68 22.08
CA ASN A 171 12.93 4.36 22.69
C ASN A 171 13.16 3.28 21.66
N LEU A 172 13.55 3.68 20.46
CA LEU A 172 13.75 2.74 19.38
C LEU A 172 15.14 2.92 18.78
N LEU A 173 16.06 2.07 19.21
CA LEU A 173 17.44 2.08 18.71
C LEU A 173 17.55 1.21 17.46
N ILE A 174 18.58 1.47 16.65
CA ILE A 174 18.75 0.72 15.41
C ILE A 174 19.97 -0.19 15.50
N ASP A 175 19.75 -1.47 15.17
CA ASP A 175 20.80 -2.49 15.09
C ASP A 175 21.93 -2.07 14.17
N GLN A 176 23.10 -2.68 14.38
CA GLN A 176 24.16 -2.61 13.39
C GLN A 176 23.68 -3.36 12.14
N GLN A 177 22.77 -4.31 12.36
CA GLN A 177 22.05 -4.98 11.29
C GLN A 177 20.88 -4.17 10.71
N GLY A 178 20.64 -2.97 11.25
CA GLY A 178 19.57 -2.11 10.74
C GLY A 178 18.19 -2.42 11.29
N TYR A 179 18.08 -3.51 12.05
CA TYR A 179 16.85 -3.88 12.72
C TYR A 179 16.62 -3.03 13.97
N ILE A 180 15.52 -3.26 14.67
CA ILE A 180 15.18 -2.44 15.82
C ILE A 180 15.57 -3.09 17.14
N GLN A 181 15.84 -2.25 18.13
CA GLN A 181 16.05 -2.67 19.49
C GLN A 181 15.22 -1.72 20.34
N VAL A 182 14.39 -2.26 21.23
CA VAL A 182 13.54 -1.45 22.09
C VAL A 182 14.26 -1.23 23.43
N THR A 183 14.28 0.00 23.93
CA THR A 183 15.28 0.36 24.95
C THR A 183 14.88 0.98 26.29
N ASP A 184 13.60 1.20 26.57
CA ASP A 184 13.28 1.75 27.90
C ASP A 184 12.20 0.93 28.55
N PHE A 185 12.40 0.51 29.80
CA PHE A 185 11.39 -0.33 30.48
C PHE A 185 10.97 0.18 31.85
N GLY A 186 11.41 1.38 32.20
CA GLY A 186 11.02 2.03 33.45
C GLY A 186 9.52 2.10 33.68
N PHE A 187 8.75 2.08 32.60
CA PHE A 187 7.30 2.21 32.67
C PHE A 187 6.52 0.90 32.57
N ALA A 188 7.09 -0.10 31.89
CA ALA A 188 6.37 -1.35 31.59
C ALA A 188 5.83 -2.05 32.83
N LYS A 189 4.61 -2.58 32.73
CA LYS A 189 3.95 -3.23 33.86
C LYS A 189 3.45 -4.63 33.50
N ARG A 190 3.65 -5.56 34.42
CA ARG A 190 3.03 -6.87 34.36
C ARG A 190 1.63 -6.73 34.93
N VAL A 191 0.67 -6.43 34.05
CA VAL A 191 -0.72 -6.23 34.45
C VAL A 191 -1.61 -7.29 33.81
N LYS A 192 -2.46 -7.90 34.63
CA LYS A 192 -3.39 -8.93 34.18
C LYS A 192 -4.66 -8.34 33.58
N GLY A 193 -5.32 -7.47 34.36
CA GLY A 193 -6.59 -6.87 33.95
C GLY A 193 -6.46 -5.48 33.37
N ARG A 194 -6.42 -4.48 34.26
CA ARG A 194 -6.38 -3.08 33.88
C ARG A 194 -5.53 -2.29 34.87
N THR A 195 -4.93 -1.20 34.39
CA THR A 195 -4.19 -0.27 35.26
C THR A 195 -4.56 1.19 35.02
N TRP A 196 -4.06 2.07 35.89
CA TRP A 196 -4.52 3.46 35.95
C TRP A 196 -3.43 4.54 35.95
N TPO A 197 -2.16 4.14 35.88
CA TPO A 197 -1.05 5.10 35.95
CB TPO A 197 0.30 4.43 36.27
CG2 TPO A 197 1.40 5.43 36.60
OG1 TPO A 197 0.18 3.57 37.39
P TPO A 197 0.25 1.97 37.23
O1P TPO A 197 -0.79 1.66 36.19
O2P TPO A 197 1.65 1.65 36.79
O3P TPO A 197 -0.09 1.55 38.65
C TPO A 197 -0.93 5.96 34.71
O TPO A 197 -0.87 5.46 33.59
N LEU A 198 -0.92 7.28 34.92
CA LEU A 198 -0.69 8.21 33.84
C LEU A 198 0.81 8.38 33.63
N CYS A 199 1.29 7.88 32.49
CA CYS A 199 2.70 7.99 32.14
C CYS A 199 2.87 7.75 30.64
N GLY A 200 3.92 8.32 30.08
CA GLY A 200 4.16 8.24 28.65
C GLY A 200 4.18 9.63 28.04
N THR A 201 4.39 9.70 26.74
CA THR A 201 4.47 10.97 26.03
C THR A 201 3.13 11.30 25.38
N PRO A 202 2.57 12.48 25.70
CA PRO A 202 1.27 12.96 25.23
C PRO A 202 0.83 12.49 23.83
N GLU A 203 1.71 12.59 22.84
CA GLU A 203 1.36 12.22 21.47
C GLU A 203 0.94 10.76 21.33
N TYR A 204 1.45 9.92 22.22
CA TYR A 204 1.29 8.48 22.08
C TYR A 204 0.29 7.88 23.04
N LEU A 205 -0.30 8.73 23.89
CA LEU A 205 -1.29 8.26 24.83
C LEU A 205 -2.58 7.94 24.09
N ALA A 206 -3.12 6.75 24.37
CA ALA A 206 -4.43 6.35 23.92
C ALA A 206 -5.47 7.13 24.73
N PRO A 207 -6.62 7.44 24.13
CA PRO A 207 -7.62 8.24 24.84
C PRO A 207 -7.97 7.73 26.25
N GLU A 208 -7.91 6.41 26.45
CA GLU A 208 -8.28 5.80 27.73
C GLU A 208 -7.33 6.21 28.84
N ILE A 209 -6.05 6.35 28.51
CA ILE A 209 -5.08 6.87 29.48
C ILE A 209 -5.49 8.28 29.92
N ILE A 210 -5.70 9.15 28.94
CA ILE A 210 -6.01 10.56 29.19
C ILE A 210 -7.32 10.72 29.96
N LEU A 211 -8.31 9.88 29.61
CA LEU A 211 -9.64 9.95 30.21
C LEU A 211 -9.67 9.55 31.69
N SER A 212 -8.64 8.83 32.13
CA SER A 212 -8.44 8.46 33.54
C SER A 212 -9.36 7.33 33.99
N LYS A 213 -10.01 6.69 33.02
CA LYS A 213 -10.59 5.37 33.23
C LYS A 213 -9.42 4.39 33.20
N GLY A 214 -9.66 3.15 33.60
CA GLY A 214 -8.66 2.10 33.47
C GLY A 214 -8.30 1.85 32.02
N TYR A 215 -7.08 1.38 31.79
CA TYR A 215 -6.67 0.91 30.46
C TYR A 215 -5.96 -0.44 30.55
N ASN A 216 -5.51 -0.94 29.40
CA ASN A 216 -4.85 -2.23 29.30
C ASN A 216 -3.89 -2.29 28.12
N LYS A 217 -3.61 -3.51 27.65
CA LYS A 217 -2.67 -3.73 26.57
C LYS A 217 -3.11 -3.13 25.22
N ALA A 218 -4.39 -2.81 25.09
CA ALA A 218 -4.89 -2.10 23.91
C ALA A 218 -4.08 -0.83 23.66
N VAL A 219 -3.74 -0.11 24.72
CA VAL A 219 -2.98 1.14 24.68
C VAL A 219 -1.70 1.05 23.84
N ASP A 220 -0.97 -0.05 23.96
CA ASP A 220 0.19 -0.31 23.10
C ASP A 220 -0.16 -0.28 21.61
N TRP A 221 -1.30 -0.87 21.24
CA TRP A 221 -1.70 -0.93 19.84
C TRP A 221 -2.06 0.44 19.25
N TRP A 222 -2.59 1.30 20.10
CA TRP A 222 -2.85 2.68 19.72
C TRP A 222 -1.54 3.35 19.32
N ALA A 223 -0.55 3.21 20.20
CA ALA A 223 0.73 3.87 20.06
C ALA A 223 1.45 3.46 18.77
N LEU A 224 1.37 2.17 18.44
CA LEU A 224 1.86 1.66 17.16
C LEU A 224 1.28 2.50 16.02
N GLY A 225 -0.05 2.66 16.04
CA GLY A 225 -0.75 3.51 15.07
C GLY A 225 -0.11 4.88 14.94
N VAL A 226 0.05 5.57 16.07
CA VAL A 226 0.70 6.88 16.12
C VAL A 226 2.11 6.79 15.54
N LEU A 227 2.85 5.77 15.97
CA LEU A 227 4.22 5.57 15.52
C LEU A 227 4.34 5.32 14.02
N ILE A 228 3.41 4.55 13.45
CA ILE A 228 3.40 4.33 12.00
C ILE A 228 3.12 5.64 11.27
N TYR A 229 2.00 6.28 11.61
CA TYR A 229 1.65 7.58 11.06
C TYR A 229 2.87 8.50 10.99
N GLU A 230 3.61 8.60 12.10
CA GLU A 230 4.78 9.47 12.16
C GLU A 230 5.89 9.04 11.20
N MET A 231 6.12 7.73 11.10
CA MET A 231 7.18 7.21 10.23
C MET A 231 6.86 7.43 8.76
N ALA A 232 5.58 7.39 8.41
CA ALA A 232 5.14 7.61 7.04
C ALA A 232 4.85 9.08 6.71
N ALA A 233 4.56 9.89 7.72
CA ALA A 233 4.19 11.30 7.51
C ALA A 233 5.28 12.29 7.90
N GLY A 234 6.17 11.87 8.79
CA GLY A 234 7.25 12.73 9.27
C GLY A 234 6.83 13.60 10.44
N TYR A 235 5.60 13.40 10.89
CA TYR A 235 5.07 14.10 12.07
C TYR A 235 3.91 13.31 12.67
N PRO A 236 3.65 13.48 13.98
CA PRO A 236 2.60 12.70 14.63
C PRO A 236 1.21 13.24 14.27
N PRO A 237 0.19 12.35 14.25
CA PRO A 237 -1.17 12.79 13.88
C PRO A 237 -1.81 13.78 14.85
N PHE A 238 -1.55 13.63 16.15
CA PHE A 238 -2.13 14.52 17.16
C PHE A 238 -1.05 15.36 17.81
N PHE A 239 -0.98 16.63 17.41
CA PHE A 239 0.12 17.50 17.81
C PHE A 239 -0.29 18.96 17.95
N ALA A 240 0.11 19.58 19.06
CA ALA A 240 -0.16 20.98 19.33
C ALA A 240 0.88 21.60 20.27
N ASP A 241 0.81 22.92 20.44
CA ASP A 241 1.77 23.65 21.27
C ASP A 241 1.55 23.53 22.78
N GLN A 242 0.53 22.77 23.18
CA GLN A 242 0.23 22.51 24.60
C GLN A 242 -0.30 21.10 24.80
N PRO A 243 0.14 20.42 25.89
CA PRO A 243 -0.31 19.06 26.20
C PRO A 243 -1.84 18.96 26.37
N ILE A 244 -2.43 19.96 27.03
CA ILE A 244 -3.87 20.07 27.18
C ILE A 244 -4.57 19.99 25.83
N GLN A 245 -4.10 20.80 24.87
CA GLN A 245 -4.62 20.77 23.51
C GLN A 245 -4.37 19.43 22.78
N ILE A 246 -3.20 18.83 22.98
CA ILE A 246 -2.89 17.53 22.36
C ILE A 246 -3.91 16.48 22.81
N TYR A 247 -4.33 16.58 24.07
CA TYR A 247 -5.34 15.68 24.63
C TYR A 247 -6.66 15.81 23.88
N GLU A 248 -7.16 17.06 23.79
CA GLU A 248 -8.39 17.38 23.05
C GLU A 248 -8.42 16.71 21.69
N LYS A 249 -7.35 16.91 20.91
CA LYS A 249 -7.24 16.37 19.57
C LYS A 249 -7.24 14.83 19.53
N ILE A 250 -6.70 14.20 20.58
CA ILE A 250 -6.68 12.75 20.70
C ILE A 250 -8.05 12.18 21.04
N VAL A 251 -8.67 12.69 22.11
CA VAL A 251 -10.00 12.24 22.53
C VAL A 251 -11.00 12.40 21.39
N SER A 252 -11.04 13.60 20.80
CA SER A 252 -11.81 13.83 19.58
C SER A 252 -10.98 13.28 18.40
N GLY A 253 -10.82 11.95 18.38
CA GLY A 253 -9.86 11.25 17.52
C GLY A 253 -10.10 11.30 16.03
N LYS A 254 -10.08 12.51 15.48
CA LYS A 254 -10.22 12.74 14.05
C LYS A 254 -8.82 12.86 13.42
N VAL A 255 -8.50 11.93 12.53
CA VAL A 255 -7.16 11.85 11.96
C VAL A 255 -7.14 12.18 10.47
N ARG A 256 -6.67 13.39 10.15
CA ARG A 256 -6.52 13.82 8.76
C ARG A 256 -5.15 13.37 8.23
N PHE A 257 -5.18 12.46 7.26
CA PHE A 257 -3.97 11.89 6.69
C PHE A 257 -3.31 12.88 5.72
N PRO A 258 -2.02 12.68 5.42
CA PRO A 258 -1.43 13.37 4.26
C PRO A 258 -1.96 12.77 2.96
N SER A 259 -1.74 13.48 1.85
CA SER A 259 -2.27 13.05 0.55
C SER A 259 -1.59 11.78 0.01
N HIS A 260 -0.29 11.66 0.24
CA HIS A 260 0.51 10.54 -0.28
C HIS A 260 0.29 9.23 0.48
N PHE A 261 -0.57 9.26 1.49
CA PHE A 261 -0.86 8.09 2.32
C PHE A 261 -1.73 7.07 1.58
N SER A 262 -1.23 5.83 1.50
CA SER A 262 -1.92 4.72 0.84
C SER A 262 -3.27 4.45 1.50
N SER A 263 -4.26 4.10 0.68
CA SER A 263 -5.61 3.75 1.15
C SER A 263 -5.58 2.57 2.12
N ASP A 264 -4.70 1.61 1.86
CA ASP A 264 -4.51 0.46 2.75
C ASP A 264 -3.90 0.92 4.07
N LEU A 265 -2.88 1.77 3.98
CA LEU A 265 -2.25 2.35 5.15
C LEU A 265 -3.24 3.23 5.92
N LYS A 266 -4.13 3.88 5.19
CA LYS A 266 -5.25 4.62 5.78
C LYS A 266 -6.18 3.68 6.57
N ASP A 267 -6.51 2.54 5.95
CA ASP A 267 -7.42 1.54 6.55
C ASP A 267 -6.87 0.99 7.87
N LEU A 268 -5.58 0.69 7.89
CA LEU A 268 -4.94 0.19 9.10
C LEU A 268 -4.92 1.25 10.20
N LEU A 269 -4.65 2.50 9.82
CA LEU A 269 -4.53 3.58 10.80
C LEU A 269 -5.85 3.91 11.47
N ARG A 270 -6.92 3.96 10.69
CA ARG A 270 -8.26 4.19 11.24
C ARG A 270 -8.69 3.02 12.13
N ASN A 271 -8.12 1.84 11.89
CA ASN A 271 -8.37 0.65 12.71
C ASN A 271 -7.61 0.64 14.05
N LEU A 272 -6.32 1.00 14.00
CA LEU A 272 -5.47 1.03 15.19
C LEU A 272 -5.75 2.28 16.00
N LEU A 273 -5.83 3.43 15.33
CA LEU A 273 -6.21 4.67 15.97
C LEU A 273 -7.73 4.73 16.02
N GLN A 274 -8.29 4.18 17.10
CA GLN A 274 -9.72 4.04 17.25
C GLN A 274 -10.09 4.24 18.72
N VAL A 275 -10.72 5.37 19.01
CA VAL A 275 -11.14 5.71 20.37
C VAL A 275 -12.06 4.63 20.96
N ASP A 276 -12.78 3.94 20.09
CA ASP A 276 -13.60 2.81 20.50
C ASP A 276 -12.72 1.58 20.70
N LEU A 277 -12.26 1.37 21.93
CA LEU A 277 -11.35 0.26 22.25
C LEU A 277 -12.02 -1.12 22.19
N THR A 278 -13.30 -1.16 21.80
CA THR A 278 -13.97 -2.40 21.46
C THR A 278 -13.98 -2.58 19.94
N LYS A 279 -13.55 -1.53 19.23
CA LYS A 279 -13.45 -1.52 17.78
C LYS A 279 -12.00 -1.25 17.32
N ARG A 280 -11.04 -1.58 18.18
CA ARG A 280 -9.64 -1.31 17.89
C ARG A 280 -8.90 -2.58 17.46
N PHE A 281 -8.21 -2.50 16.33
CA PHE A 281 -7.36 -3.59 15.85
C PHE A 281 -6.29 -3.94 16.86
N GLY A 282 -6.26 -5.21 17.25
CA GLY A 282 -5.46 -5.68 18.38
C GLY A 282 -6.33 -6.26 19.48
N ASN A 283 -7.50 -5.63 19.67
CA ASN A 283 -8.47 -6.02 20.69
C ASN A 283 -9.79 -6.55 20.13
N LEU A 284 -9.71 -7.52 19.23
CA LEU A 284 -10.91 -8.13 18.68
C LEU A 284 -10.86 -9.65 18.86
N LYS A 285 -11.65 -10.38 18.09
CA LYS A 285 -11.68 -11.84 18.19
C LYS A 285 -10.31 -12.46 17.95
N ASN A 286 -9.66 -12.02 16.86
CA ASN A 286 -8.40 -12.61 16.42
C ASN A 286 -7.17 -11.95 17.05
N GLY A 287 -7.43 -10.94 17.87
CA GLY A 287 -6.37 -10.22 18.57
C GLY A 287 -5.31 -9.66 17.65
N VAL A 288 -4.09 -10.15 17.82
CA VAL A 288 -2.92 -9.64 17.11
C VAL A 288 -3.03 -9.91 15.62
N ASN A 289 -3.60 -11.08 15.28
CA ASN A 289 -3.69 -11.56 13.91
C ASN A 289 -4.39 -10.62 12.95
N ASP A 290 -5.41 -9.90 13.43
CA ASP A 290 -6.09 -8.89 12.64
C ASP A 290 -5.12 -7.87 12.05
N ILE A 291 -4.12 -7.47 12.85
CA ILE A 291 -3.08 -6.54 12.42
C ILE A 291 -2.09 -7.22 11.46
N LYS A 292 -1.83 -8.51 11.70
CA LYS A 292 -0.88 -9.27 10.87
C LYS A 292 -1.46 -9.69 9.52
N ASN A 293 -2.78 -9.86 9.47
CA ASN A 293 -3.46 -10.31 8.25
C ASN A 293 -4.02 -9.16 7.40
N HIS A 294 -3.82 -7.93 7.87
CA HIS A 294 -4.29 -6.72 7.19
C HIS A 294 -3.62 -6.51 5.83
N LYS A 295 -4.35 -5.90 4.91
CA LYS A 295 -3.92 -5.68 3.51
C LYS A 295 -2.58 -4.96 3.35
N TRP A 296 -2.23 -4.12 4.32
CA TRP A 296 -0.97 -3.39 4.31
C TRP A 296 0.20 -4.28 4.68
N PHE A 297 -0.09 -5.41 5.32
CA PHE A 297 0.93 -6.34 5.80
C PHE A 297 0.97 -7.68 5.05
N ALA A 298 0.38 -7.72 3.86
CA ALA A 298 0.39 -8.92 3.04
C ALA A 298 1.77 -9.20 2.46
N THR A 299 2.56 -8.14 2.29
CA THR A 299 3.90 -8.22 1.70
C THR A 299 5.00 -8.37 2.76
N THR A 300 4.61 -8.75 3.97
CA THR A 300 5.56 -8.96 5.05
C THR A 300 5.59 -10.40 5.51
N ASP A 301 6.79 -10.96 5.55
CA ASP A 301 7.01 -12.31 6.05
C ASP A 301 7.45 -12.23 7.51
N TRP A 302 6.50 -12.39 8.41
CA TRP A 302 6.70 -12.21 9.85
C TRP A 302 7.75 -13.14 10.41
N ILE A 303 7.69 -14.41 10.02
CA ILE A 303 8.61 -15.40 10.53
C ILE A 303 10.04 -15.10 10.06
N ALA A 304 10.16 -14.56 8.84
CA ALA A 304 11.46 -14.17 8.30
C ALA A 304 11.94 -12.86 8.92
N ILE A 305 11.01 -11.95 9.22
CA ILE A 305 11.33 -10.74 9.97
C ILE A 305 11.93 -11.16 11.29
N TYR A 306 11.29 -12.15 11.93
CA TYR A 306 11.78 -12.71 13.18
C TYR A 306 13.19 -13.29 13.04
N GLN A 307 13.42 -14.11 12.03
CA GLN A 307 14.74 -14.68 11.76
C GLN A 307 15.83 -13.63 11.55
N ARG A 308 15.40 -12.41 11.22
CA ARG A 308 16.30 -11.34 10.77
C ARG A 308 16.78 -11.58 9.35
N LYS A 309 16.07 -12.46 8.63
CA LYS A 309 16.43 -12.86 7.27
C LYS A 309 15.87 -11.91 6.20
N VAL A 310 15.35 -10.77 6.64
CA VAL A 310 14.88 -9.72 5.72
C VAL A 310 15.93 -8.62 5.58
N GLU A 311 16.29 -8.30 4.33
CA GLU A 311 17.24 -7.25 4.04
C GLU A 311 16.72 -5.90 4.55
N ALA A 312 17.51 -5.25 5.41
CA ALA A 312 17.15 -3.97 6.00
C ALA A 312 17.13 -2.85 4.95
N PRO A 313 16.21 -1.88 5.10
CA PRO A 313 16.10 -0.75 4.18
C PRO A 313 17.28 0.21 4.29
N PHE A 314 17.91 0.24 5.46
CA PHE A 314 19.03 1.13 5.75
C PHE A 314 19.87 0.59 6.90
N ILE A 315 21.19 0.70 6.77
CA ILE A 315 22.12 0.32 7.83
C ILE A 315 22.92 1.54 8.26
N PRO A 316 22.88 1.89 9.56
CA PRO A 316 23.65 3.02 10.07
C PRO A 316 25.16 2.72 10.10
N LYS A 317 25.96 3.70 9.69
CA LYS A 317 27.42 3.57 9.72
C LYS A 317 27.98 4.26 10.97
N PHE A 318 27.42 3.87 12.12
CA PHE A 318 27.67 4.53 13.41
C PHE A 318 29.12 4.51 13.90
N LYS A 319 29.93 3.59 13.35
CA LYS A 319 31.35 3.41 13.72
C LYS A 319 31.57 3.23 15.24
N GLY A 320 30.58 2.63 15.90
CA GLY A 320 30.55 2.49 17.36
C GLY A 320 31.69 1.70 17.98
N PRO A 321 31.95 0.49 17.46
CA PRO A 321 32.90 -0.48 18.02
C PRO A 321 34.36 0.02 18.08
N GLY A 322 34.78 0.80 17.10
CA GLY A 322 36.20 1.16 16.97
C GLY A 322 36.55 2.61 17.22
N ASP A 323 35.85 3.53 16.54
CA ASP A 323 36.04 4.96 16.71
C ASP A 323 35.48 5.41 18.05
N THR A 324 34.36 4.78 18.44
CA THR A 324 33.71 4.98 19.73
C THR A 324 33.59 6.47 20.09
N SER A 325 33.96 6.80 21.33
CA SER A 325 33.99 8.19 21.77
C SER A 325 35.35 8.81 21.44
N ASN A 326 35.32 9.95 20.76
CA ASN A 326 36.54 10.72 20.48
C ASN A 326 37.21 11.12 21.80
N PHE A 327 36.38 11.43 22.78
CA PHE A 327 36.79 11.68 24.18
C PHE A 327 38.07 12.50 24.35
N ASP A 328 38.30 13.44 23.42
CA ASP A 328 39.52 14.23 23.35
C ASP A 328 40.75 13.34 23.55
N ASP A 329 41.45 13.52 24.67
CA ASP A 329 42.60 12.69 25.03
C ASP A 329 42.42 12.14 26.45
N TYR A 330 42.97 12.85 27.44
CA TYR A 330 42.87 12.45 28.85
C TYR A 330 41.82 13.26 29.58
N GLU A 331 40.72 12.59 29.95
CA GLU A 331 39.58 13.26 30.56
C GLU A 331 39.19 12.64 31.91
N GLU A 332 37.96 12.90 32.34
CA GLU A 332 37.50 12.52 33.68
C GLU A 332 36.84 11.15 33.71
N GLU A 333 37.30 10.29 34.62
CA GLU A 333 36.70 8.97 34.86
C GLU A 333 37.35 8.23 36.04
N GLU A 334 36.53 7.82 37.01
CA GLU A 334 36.98 7.04 38.18
C GLU A 334 35.80 6.43 38.92
N ILE A 335 35.82 5.10 39.09
CA ILE A 335 34.69 4.39 39.69
C ILE A 335 35.01 3.98 41.13
N ARG A 336 34.82 4.90 42.08
CA ARG A 336 35.12 4.60 43.48
C ARG A 336 33.97 3.84 44.13
N VAL A 337 34.31 2.73 44.78
CA VAL A 337 33.34 1.88 45.48
C VAL A 337 33.54 2.05 46.98
N SEP A 338 32.52 2.54 47.66
CA SEP A 338 32.63 2.93 49.06
CB SEP A 338 31.35 3.62 49.54
OG SEP A 338 31.36 3.81 50.94
C SEP A 338 33.03 1.79 50.00
O SEP A 338 32.81 0.62 49.71
P SEP A 338 31.99 5.23 51.37
O1P SEP A 338 31.30 6.45 50.58
O2P SEP A 338 31.72 5.41 52.95
O3P SEP A 338 33.58 5.23 51.09
N ILE A 339 33.66 2.15 51.13
CA ILE A 339 34.08 1.20 52.15
C ILE A 339 32.88 0.51 52.76
N ASN A 340 31.87 1.31 53.11
CA ASN A 340 30.63 0.80 53.67
C ASN A 340 29.49 0.84 52.65
N GLU A 341 28.54 -0.07 52.81
CA GLU A 341 27.40 -0.22 51.91
C GLU A 341 26.45 0.97 52.05
N LYS A 342 25.78 1.29 50.95
CA LYS A 342 24.84 2.41 50.91
C LYS A 342 23.56 1.98 50.19
N CYS A 343 22.43 2.16 50.87
CA CYS A 343 21.10 1.79 50.35
C CYS A 343 20.89 0.29 50.10
N GLY A 344 21.69 -0.56 50.74
CA GLY A 344 21.59 -2.02 50.59
C GLY A 344 20.16 -2.50 50.78
N LYS A 345 19.46 -1.87 51.71
CA LYS A 345 18.07 -2.16 52.03
C LYS A 345 17.13 -1.99 50.84
N GLU A 346 17.26 -0.86 50.15
CA GLU A 346 16.34 -0.48 49.07
C GLU A 346 16.49 -1.33 47.80
N PHE A 347 17.68 -1.88 47.61
CA PHE A 347 18.00 -2.62 46.38
C PHE A 347 18.34 -4.08 46.62
N THR A 348 17.82 -4.65 47.71
CA THR A 348 18.04 -6.06 48.02
C THR A 348 17.52 -6.95 46.89
N GLU A 349 16.41 -6.52 46.27
CA GLU A 349 15.77 -7.25 45.18
C GLU A 349 16.65 -7.30 43.93
N PHE A 350 17.43 -6.24 43.70
CA PHE A 350 18.23 -6.06 42.48
C PHE A 350 19.16 -7.22 42.21
N LYS B 8 -21.95 17.66 -0.51
CA LYS B 8 -23.05 17.44 0.47
C LYS B 8 -24.41 17.80 -0.13
N GLY B 9 -24.51 19.02 -0.65
CA GLY B 9 -25.75 19.50 -1.25
C GLY B 9 -26.01 18.90 -2.62
N SER B 10 -27.29 18.61 -2.90
CA SER B 10 -27.73 18.04 -4.18
C SER B 10 -26.90 16.83 -4.60
N GLU B 11 -27.00 15.76 -3.82
CA GLU B 11 -26.19 14.55 -4.01
C GLU B 11 -26.37 13.91 -5.40
N GLN B 12 -27.61 13.86 -5.88
CA GLN B 12 -27.94 13.25 -7.17
C GLN B 12 -27.39 14.02 -8.37
N GLU B 13 -27.54 15.34 -8.37
CA GLU B 13 -27.09 16.17 -9.50
C GLU B 13 -25.72 16.83 -9.28
N SER B 14 -25.03 16.43 -8.21
CA SER B 14 -23.65 16.84 -7.97
C SER B 14 -22.73 16.25 -9.05
N VAL B 15 -23.19 15.19 -9.70
CA VAL B 15 -22.46 14.53 -10.79
C VAL B 15 -22.19 15.47 -11.96
N LYS B 16 -23.14 16.38 -12.22
CA LYS B 16 -22.96 17.41 -13.23
C LYS B 16 -21.80 18.34 -12.87
N GLU B 17 -21.71 18.69 -11.58
CA GLU B 17 -20.62 19.52 -11.06
C GLU B 17 -19.26 18.82 -11.13
N PHE B 18 -19.28 17.49 -11.15
CA PHE B 18 -18.07 16.70 -11.41
C PHE B 18 -17.75 16.65 -12.90
N LEU B 19 -18.78 16.50 -13.73
CA LEU B 19 -18.61 16.37 -15.18
C LEU B 19 -18.17 17.68 -15.83
N ALA B 20 -18.68 18.79 -15.31
CA ALA B 20 -18.29 20.12 -15.80
C ALA B 20 -16.80 20.35 -15.64
N LYS B 21 -16.29 20.10 -14.42
CA LYS B 21 -14.86 20.22 -14.12
C LYS B 21 -14.04 19.29 -15.01
N ALA B 22 -14.51 18.05 -15.16
CA ALA B 22 -13.84 17.04 -15.98
C ALA B 22 -13.75 17.44 -17.44
N LYS B 23 -14.82 18.05 -17.96
CA LYS B 23 -14.88 18.48 -19.35
C LYS B 23 -13.99 19.70 -19.60
N GLU B 24 -13.79 20.51 -18.58
CA GLU B 24 -12.86 21.63 -18.69
C GLU B 24 -11.41 21.13 -18.70
N ASP B 25 -11.08 20.26 -17.75
CA ASP B 25 -9.74 19.68 -17.63
C ASP B 25 -9.31 18.97 -18.92
N PHE B 26 -10.23 18.24 -19.53
CA PHE B 26 -10.01 17.55 -20.80
C PHE B 26 -9.67 18.52 -21.93
N LEU B 27 -10.50 19.55 -22.10
CA LEU B 27 -10.29 20.56 -23.14
C LEU B 27 -8.94 21.27 -22.99
N LYS B 28 -8.63 21.68 -21.76
CA LYS B 28 -7.37 22.38 -21.46
C LYS B 28 -6.13 21.55 -21.81
N LYS B 29 -6.29 20.23 -21.84
CA LYS B 29 -5.22 19.30 -22.21
C LYS B 29 -5.40 18.82 -23.65
N TRP B 30 -6.63 18.89 -24.15
CA TRP B 30 -6.94 18.60 -25.55
C TRP B 30 -6.46 19.74 -26.45
N GLU B 31 -6.44 20.96 -25.90
CA GLU B 31 -5.97 22.17 -26.57
C GLU B 31 -4.46 22.12 -26.72
N THR B 32 -3.76 22.03 -25.59
CA THR B 32 -2.30 22.00 -25.55
C THR B 32 -1.77 20.71 -24.90
N PRO B 33 -1.73 19.60 -25.68
CA PRO B 33 -1.31 18.28 -25.19
C PRO B 33 0.13 18.22 -24.73
N SER B 34 0.43 17.26 -23.85
CA SER B 34 1.77 17.04 -23.34
C SER B 34 2.64 16.28 -24.35
N GLN B 35 3.91 16.68 -24.43
CA GLN B 35 4.87 16.06 -25.34
C GLN B 35 6.17 15.70 -24.66
N ASN B 36 6.78 14.59 -25.08
CA ASN B 36 8.10 14.18 -24.61
C ASN B 36 8.25 14.29 -23.09
N THR B 37 7.45 13.51 -22.38
CA THR B 37 7.39 13.56 -20.92
C THR B 37 8.40 12.60 -20.25
N ALA B 38 9.13 11.84 -21.06
CA ALA B 38 10.17 10.91 -20.57
C ALA B 38 11.18 10.62 -21.68
N GLN B 39 12.18 9.81 -21.37
CA GLN B 39 13.11 9.32 -22.40
C GLN B 39 13.52 7.87 -22.11
N LEU B 40 14.02 7.20 -23.15
CA LEU B 40 14.30 5.76 -23.11
C LEU B 40 15.31 5.34 -22.03
N ASP B 41 16.33 6.16 -21.79
CA ASP B 41 17.36 5.81 -20.80
C ASP B 41 16.91 6.03 -19.34
N GLN B 42 15.64 6.42 -19.15
CA GLN B 42 15.04 6.50 -17.82
C GLN B 42 14.46 5.15 -17.41
N PHE B 43 14.23 4.29 -18.40
CA PHE B 43 13.54 3.02 -18.18
C PHE B 43 14.42 1.80 -18.41
N ASP B 44 14.29 0.82 -17.51
CA ASP B 44 14.98 -0.45 -17.65
C ASP B 44 14.04 -1.46 -18.28
N ARG B 45 14.32 -1.82 -19.53
CA ARG B 45 13.51 -2.77 -20.26
C ARG B 45 13.70 -4.17 -19.68
N ILE B 46 12.66 -4.69 -19.04
CA ILE B 46 12.72 -6.00 -18.39
C ILE B 46 11.74 -6.97 -19.04
N LYS B 47 12.11 -7.46 -20.23
CA LYS B 47 11.33 -8.45 -21.01
C LYS B 47 10.16 -7.86 -21.81
N THR B 48 9.76 -8.60 -22.84
CA THR B 48 8.79 -8.16 -23.84
C THR B 48 7.49 -8.97 -23.72
N LEU B 49 6.35 -8.28 -23.85
CA LEU B 49 5.04 -8.94 -23.69
C LEU B 49 4.40 -9.39 -24.99
N GLY B 50 4.68 -8.68 -26.08
CA GLY B 50 4.08 -9.03 -27.36
C GLY B 50 4.50 -8.17 -28.53
N THR B 51 4.66 -8.82 -29.69
CA THR B 51 4.95 -8.13 -30.94
C THR B 51 3.66 -7.79 -31.67
N GLY B 52 3.77 -6.94 -32.69
CA GLY B 52 2.62 -6.53 -33.50
C GLY B 52 3.03 -6.05 -34.88
N SER B 53 2.15 -5.25 -35.49
CA SER B 53 2.38 -4.73 -36.84
C SER B 53 3.28 -3.49 -36.79
N PHE B 54 2.87 -2.50 -36.00
CA PHE B 54 3.60 -1.25 -35.83
C PHE B 54 4.93 -1.42 -35.07
N GLY B 55 4.89 -2.22 -34.01
CA GLY B 55 6.07 -2.49 -33.20
C GLY B 55 5.83 -3.58 -32.18
N ARG B 56 6.09 -3.27 -30.91
CA ARG B 56 5.95 -4.22 -29.81
C ARG B 56 5.71 -3.52 -28.48
N VAL B 57 5.18 -4.28 -27.52
CA VAL B 57 5.00 -3.80 -26.16
C VAL B 57 5.92 -4.58 -25.23
N MET B 58 6.66 -3.87 -24.38
CA MET B 58 7.54 -4.53 -23.41
C MET B 58 7.51 -3.92 -22.00
N LEU B 59 7.63 -4.79 -20.99
CA LEU B 59 7.54 -4.42 -19.58
C LEU B 59 8.81 -3.69 -19.16
N VAL B 60 8.63 -2.47 -18.67
CA VAL B 60 9.75 -1.60 -18.31
C VAL B 60 9.69 -1.16 -16.84
N LYS B 61 10.87 -1.03 -16.24
CA LYS B 61 10.99 -0.55 -14.86
C LYS B 61 11.61 0.84 -14.85
N HIS B 62 10.87 1.81 -14.31
CA HIS B 62 11.31 3.19 -14.21
C HIS B 62 12.40 3.28 -13.14
N LYS B 63 13.56 3.81 -13.52
CA LYS B 63 14.75 3.84 -12.66
C LYS B 63 14.49 4.49 -11.30
N GLU B 64 14.14 5.78 -11.32
CA GLU B 64 13.99 6.57 -10.09
C GLU B 64 12.92 6.02 -9.12
N SER B 65 11.77 5.64 -9.67
CA SER B 65 10.64 5.19 -8.85
C SER B 65 10.67 3.68 -8.55
N GLY B 66 10.96 2.88 -9.58
CA GLY B 66 10.93 1.42 -9.46
C GLY B 66 9.64 0.85 -10.02
N ASN B 67 8.74 1.73 -10.44
CA ASN B 67 7.43 1.35 -10.98
C ASN B 67 7.51 0.61 -12.31
N HIS B 68 6.61 -0.33 -12.50
CA HIS B 68 6.54 -1.07 -13.75
C HIS B 68 5.53 -0.45 -14.72
N TYR B 69 5.83 -0.54 -16.01
CA TYR B 69 5.00 0.03 -17.06
C TYR B 69 4.96 -0.87 -18.29
N ALA B 70 4.03 -0.59 -19.20
CA ALA B 70 3.94 -1.32 -20.47
C ALA B 70 4.23 -0.37 -21.63
N MET B 71 5.49 -0.36 -22.07
CA MET B 71 5.93 0.54 -23.13
C MET B 71 5.59 0.01 -24.51
N LYS B 72 4.80 0.80 -25.25
CA LYS B 72 4.46 0.45 -26.63
C LYS B 72 5.40 1.16 -27.61
N ILE B 73 6.41 0.44 -28.07
CA ILE B 73 7.31 0.95 -29.10
C ILE B 73 6.64 0.85 -30.45
N LEU B 74 6.49 1.99 -31.11
CA LEU B 74 5.96 2.05 -32.46
C LEU B 74 7.00 2.58 -33.43
N ASP B 75 7.30 1.79 -34.46
CA ASP B 75 8.24 2.19 -35.49
C ASP B 75 7.58 3.21 -36.40
N LYS B 76 8.14 4.42 -36.41
CA LYS B 76 7.63 5.53 -37.24
C LYS B 76 7.49 5.12 -38.71
N GLN B 77 8.57 4.59 -39.28
CA GLN B 77 8.61 4.23 -40.70
C GLN B 77 7.60 3.13 -41.05
N LYS B 78 7.31 2.26 -40.08
CA LYS B 78 6.33 1.20 -40.27
C LYS B 78 4.90 1.73 -40.20
N VAL B 79 4.67 2.71 -39.33
CA VAL B 79 3.35 3.32 -39.15
C VAL B 79 2.88 4.06 -40.40
N VAL B 80 3.83 4.65 -41.13
CA VAL B 80 3.55 5.36 -42.37
C VAL B 80 3.23 4.39 -43.52
N LYS B 81 4.05 3.35 -43.65
CA LYS B 81 3.87 2.34 -44.69
C LYS B 81 2.55 1.59 -44.52
N LEU B 82 2.18 1.34 -43.26
CA LEU B 82 0.92 0.69 -42.94
C LEU B 82 -0.26 1.65 -43.10
N LYS B 83 0.06 2.90 -43.45
CA LYS B 83 -0.91 3.99 -43.62
C LYS B 83 -1.77 4.23 -42.37
N GLN B 84 -1.16 4.08 -41.19
CA GLN B 84 -1.85 4.28 -39.92
C GLN B 84 -1.29 5.45 -39.10
N ILE B 85 -1.11 6.59 -39.76
CA ILE B 85 -0.50 7.77 -39.14
C ILE B 85 -1.48 8.48 -38.20
N GLU B 86 -2.57 9.01 -38.77
CA GLU B 86 -3.59 9.76 -38.03
C GLU B 86 -4.24 8.92 -36.95
N HIS B 87 -4.38 7.63 -37.25
CA HIS B 87 -4.87 6.61 -36.32
C HIS B 87 -4.11 6.61 -34.99
N THR B 88 -2.80 6.80 -35.08
CA THR B 88 -1.90 6.75 -33.93
C THR B 88 -1.79 8.10 -33.23
N LEU B 89 -1.93 9.17 -34.00
CA LEU B 89 -1.85 10.53 -33.47
C LEU B 89 -3.10 10.87 -32.65
N ASN B 90 -4.21 10.26 -33.05
CA ASN B 90 -5.49 10.44 -32.39
C ASN B 90 -5.52 9.73 -31.02
N GLU B 91 -5.15 8.46 -31.00
CA GLU B 91 -5.12 7.66 -29.78
C GLU B 91 -4.35 8.36 -28.67
N LYS B 92 -3.16 8.87 -29.01
CA LYS B 92 -2.28 9.54 -28.05
C LYS B 92 -2.86 10.86 -27.53
N ARG B 93 -3.59 11.57 -28.39
CA ARG B 93 -4.17 12.87 -28.02
C ARG B 93 -5.34 12.67 -27.07
N ILE B 94 -6.17 11.66 -27.35
CA ILE B 94 -7.25 11.28 -26.45
C ILE B 94 -6.65 10.84 -25.10
N LEU B 95 -5.88 9.75 -25.14
CA LEU B 95 -5.30 9.15 -23.94
C LEU B 95 -4.66 10.14 -22.98
N GLN B 96 -3.86 11.04 -23.54
CA GLN B 96 -3.13 12.03 -22.74
C GLN B 96 -4.06 13.01 -22.01
N ALA B 97 -5.20 13.31 -22.62
CA ALA B 97 -6.12 14.31 -22.10
C ALA B 97 -7.27 13.70 -21.29
N VAL B 98 -7.39 12.38 -21.34
CA VAL B 98 -8.49 11.67 -20.70
C VAL B 98 -8.10 11.23 -19.29
N ASN B 99 -9.08 11.09 -18.41
CA ASN B 99 -8.81 10.80 -17.00
C ASN B 99 -10.00 10.14 -16.31
N PHE B 100 -10.01 8.81 -16.29
CA PHE B 100 -11.07 8.08 -15.62
C PHE B 100 -10.57 6.75 -15.06
N PRO B 101 -10.99 6.41 -13.83
CA PRO B 101 -10.69 5.20 -13.07
C PRO B 101 -10.69 3.88 -13.85
N PHE B 102 -11.48 3.79 -14.92
CA PHE B 102 -11.61 2.51 -15.62
C PHE B 102 -10.93 2.48 -16.98
N LEU B 103 -10.19 3.54 -17.31
CA LEU B 103 -9.45 3.60 -18.55
C LEU B 103 -7.97 3.41 -18.27
N VAL B 104 -7.28 2.69 -19.15
CA VAL B 104 -5.82 2.53 -19.03
C VAL B 104 -5.14 3.89 -19.05
N LYS B 105 -4.18 4.08 -18.15
CA LYS B 105 -3.52 5.37 -17.97
C LYS B 105 -2.30 5.51 -18.86
N LEU B 106 -2.18 6.65 -19.53
CA LEU B 106 -0.94 7.01 -20.21
C LEU B 106 -0.15 7.89 -19.26
N GLU B 107 0.98 7.36 -18.78
CA GLU B 107 1.80 8.05 -17.81
C GLU B 107 2.86 8.93 -18.47
N PHE B 108 3.47 8.40 -19.53
CA PHE B 108 4.51 9.13 -20.26
C PHE B 108 4.41 8.85 -21.76
N SER B 109 4.98 9.76 -22.54
CA SER B 109 5.01 9.64 -23.99
C SER B 109 6.20 10.40 -24.53
N PHE B 110 6.82 9.85 -25.57
CA PHE B 110 7.93 10.52 -26.25
C PHE B 110 8.24 9.86 -27.59
N LYS B 111 9.22 10.43 -28.29
CA LYS B 111 9.65 9.94 -29.59
C LYS B 111 11.14 10.19 -29.76
N ASP B 112 11.80 9.34 -30.55
CA ASP B 112 13.17 9.58 -30.96
C ASP B 112 13.27 9.59 -32.48
N ASN B 113 14.50 9.49 -33.00
CA ASN B 113 14.73 9.51 -34.45
C ASN B 113 13.96 8.42 -35.20
N SER B 114 13.76 7.28 -34.55
CA SER B 114 13.22 6.10 -35.22
C SER B 114 11.82 5.66 -34.77
N ASN B 115 11.47 5.92 -33.51
CA ASN B 115 10.26 5.35 -32.91
C ASN B 115 9.34 6.34 -32.21
N LEU B 116 8.15 5.84 -31.86
CA LEU B 116 7.22 6.52 -30.97
C LEU B 116 7.02 5.65 -29.73
N TYR B 117 7.04 6.27 -28.56
CA TYR B 117 6.96 5.51 -27.31
C TYR B 117 5.75 5.89 -26.48
N MET B 118 5.01 4.87 -26.05
CA MET B 118 3.79 5.04 -25.27
C MET B 118 3.94 4.30 -23.94
N VAL B 119 4.21 5.05 -22.87
CA VAL B 119 4.43 4.45 -21.56
C VAL B 119 3.10 4.30 -20.82
N MET B 120 2.53 3.11 -20.93
CA MET B 120 1.23 2.78 -20.32
C MET B 120 1.40 2.24 -18.90
N GLU B 121 0.35 2.41 -18.10
CA GLU B 121 0.27 1.82 -16.77
C GLU B 121 0.19 0.29 -16.91
N TYR B 122 0.94 -0.42 -16.09
CA TYR B 122 0.99 -1.88 -16.19
C TYR B 122 -0.03 -2.58 -15.32
N VAL B 123 -0.87 -3.38 -15.98
CA VAL B 123 -1.89 -4.19 -15.33
C VAL B 123 -1.86 -5.59 -15.95
N ALA B 124 -1.75 -6.62 -15.10
CA ALA B 124 -1.50 -7.97 -15.59
C ALA B 124 -2.67 -8.95 -15.42
N GLY B 125 -3.77 -8.47 -14.83
CA GLY B 125 -4.97 -9.28 -14.60
C GLY B 125 -5.36 -10.16 -15.76
N GLY B 126 -5.56 -9.56 -16.93
CA GLY B 126 -5.81 -10.31 -18.16
C GLY B 126 -7.06 -9.92 -18.92
N GLU B 127 -7.09 -10.32 -20.18
CA GLU B 127 -8.20 -10.09 -21.09
C GLU B 127 -9.47 -10.68 -20.47
N MET B 128 -10.57 -9.92 -20.50
CA MET B 128 -11.86 -10.44 -20.05
C MET B 128 -12.28 -11.61 -20.94
N PHE B 129 -12.06 -11.44 -22.24
CA PHE B 129 -12.33 -12.48 -23.21
C PHE B 129 -11.73 -13.82 -22.77
N SER B 130 -10.52 -13.76 -22.20
CA SER B 130 -9.83 -14.96 -21.71
C SER B 130 -10.51 -15.57 -20.49
N HIS B 131 -10.89 -14.71 -19.54
CA HIS B 131 -11.55 -15.16 -18.31
C HIS B 131 -12.94 -15.70 -18.57
N LEU B 132 -13.72 -14.94 -19.35
CA LEU B 132 -15.08 -15.33 -19.69
C LEU B 132 -15.11 -16.65 -20.46
N ARG B 133 -14.10 -16.89 -21.29
CA ARG B 133 -14.02 -18.14 -22.04
C ARG B 133 -13.67 -19.29 -21.11
N ARG B 134 -12.89 -19.00 -20.08
CA ARG B 134 -12.42 -20.01 -19.12
C ARG B 134 -13.56 -20.43 -18.20
N ILE B 135 -14.02 -19.49 -17.39
CA ILE B 135 -15.33 -19.61 -16.75
C ILE B 135 -16.28 -19.63 -17.94
N GLY B 136 -17.34 -20.43 -17.88
CA GLY B 136 -18.29 -20.48 -19.00
C GLY B 136 -18.95 -19.14 -19.30
N ARG B 137 -19.65 -18.62 -18.29
CA ARG B 137 -20.41 -17.37 -18.38
C ARG B 137 -20.43 -16.77 -16.99
N PHE B 138 -20.73 -15.47 -16.89
CA PHE B 138 -20.77 -14.80 -15.60
C PHE B 138 -22.14 -14.84 -14.94
N SER B 139 -22.16 -14.77 -13.60
CA SER B 139 -23.40 -14.58 -12.84
C SER B 139 -24.00 -13.25 -13.21
N GLU B 140 -25.32 -13.14 -13.14
CA GLU B 140 -25.97 -11.87 -13.43
C GLU B 140 -25.48 -10.72 -12.53
N PRO B 141 -25.21 -10.99 -11.24
CA PRO B 141 -24.55 -9.95 -10.44
C PRO B 141 -23.09 -9.72 -10.85
N HIS B 142 -22.43 -10.77 -11.32
CA HIS B 142 -21.06 -10.72 -11.80
C HIS B 142 -20.97 -9.73 -12.98
N ALA B 143 -21.82 -9.93 -13.99
CA ALA B 143 -21.91 -9.05 -15.15
C ALA B 143 -22.40 -7.66 -14.75
N ARG B 144 -23.29 -7.59 -13.77
CA ARG B 144 -23.79 -6.32 -13.28
C ARG B 144 -22.66 -5.43 -12.80
N PHE B 145 -21.66 -6.03 -12.15
CA PHE B 145 -20.48 -5.32 -11.66
C PHE B 145 -19.67 -4.70 -12.81
N TYR B 146 -19.45 -5.47 -13.88
CA TYR B 146 -18.62 -5.01 -14.99
C TYR B 146 -19.32 -3.96 -15.84
N ALA B 147 -20.55 -4.26 -16.24
CA ALA B 147 -21.38 -3.30 -16.97
C ALA B 147 -21.56 -1.96 -16.22
N ALA B 148 -21.66 -1.99 -14.89
CA ALA B 148 -21.80 -0.75 -14.12
C ALA B 148 -20.59 0.17 -14.32
N GLN B 149 -19.41 -0.45 -14.43
CA GLN B 149 -18.18 0.27 -14.72
C GLN B 149 -18.22 0.82 -16.14
N ILE B 150 -18.67 -0.02 -17.09
CA ILE B 150 -18.75 0.37 -18.50
C ILE B 150 -19.80 1.48 -18.75
N VAL B 151 -20.86 1.50 -17.96
CA VAL B 151 -21.85 2.58 -18.02
C VAL B 151 -21.25 3.92 -17.55
N LEU B 152 -20.60 3.92 -16.38
CA LEU B 152 -19.98 5.14 -15.85
C LEU B 152 -18.93 5.72 -16.78
N THR B 153 -18.14 4.84 -17.40
CA THR B 153 -17.07 5.30 -18.29
C THR B 153 -17.61 5.86 -19.60
N PHE B 154 -18.69 5.29 -20.12
CA PHE B 154 -19.33 5.84 -21.32
C PHE B 154 -19.95 7.18 -20.99
N GLU B 155 -20.56 7.29 -19.82
CA GLU B 155 -21.06 8.58 -19.34
C GLU B 155 -19.93 9.61 -19.36
N TYR B 156 -18.73 9.18 -18.93
CA TYR B 156 -17.57 10.07 -18.92
C TYR B 156 -17.17 10.51 -20.32
N LEU B 157 -16.93 9.54 -21.20
CA LEU B 157 -16.42 9.80 -22.54
C LEU B 157 -17.40 10.59 -23.38
N HIS B 158 -18.69 10.34 -23.15
CA HIS B 158 -19.74 10.97 -23.94
C HIS B 158 -19.92 12.44 -23.59
N SER B 159 -19.66 12.80 -22.34
CA SER B 159 -19.70 14.20 -21.92
C SER B 159 -18.55 14.98 -22.55
N LEU B 160 -17.47 14.27 -22.86
CA LEU B 160 -16.30 14.83 -23.55
C LEU B 160 -16.50 14.83 -25.07
N ASP B 161 -17.64 14.30 -25.50
CA ASP B 161 -18.00 14.15 -26.92
C ASP B 161 -17.16 13.09 -27.63
N LEU B 162 -16.61 12.16 -26.85
CA LEU B 162 -15.81 11.08 -27.40
C LEU B 162 -16.67 9.82 -27.52
N ILE B 163 -16.64 9.24 -28.72
CA ILE B 163 -17.27 7.96 -28.99
C ILE B 163 -16.18 6.90 -28.91
N TYR B 164 -16.45 5.77 -28.26
CA TYR B 164 -15.42 4.74 -28.09
C TYR B 164 -15.29 3.78 -29.29
N ARG B 165 -16.41 3.40 -29.89
CA ARG B 165 -16.44 2.65 -31.16
C ARG B 165 -15.74 1.29 -31.27
N ASP B 166 -15.19 0.77 -30.18
CA ASP B 166 -14.64 -0.58 -30.19
C ASP B 166 -14.73 -1.29 -28.84
N LEU B 167 -15.94 -1.37 -28.30
CA LEU B 167 -16.14 -2.06 -27.04
C LEU B 167 -16.32 -3.55 -27.27
N LYS B 168 -15.41 -4.33 -26.70
CA LYS B 168 -15.45 -5.80 -26.75
C LYS B 168 -14.76 -6.39 -25.52
N PRO B 169 -14.93 -7.69 -25.26
CA PRO B 169 -14.24 -8.29 -24.10
C PRO B 169 -12.71 -8.27 -24.24
N GLU B 170 -12.22 -8.19 -25.46
CA GLU B 170 -10.79 -8.13 -25.72
C GLU B 170 -10.17 -6.82 -25.23
N ASN B 171 -10.99 -5.77 -25.14
CA ASN B 171 -10.50 -4.45 -24.76
C ASN B 171 -10.72 -4.10 -23.28
N LEU B 172 -11.17 -5.08 -22.52
CA LEU B 172 -11.39 -4.88 -21.09
C LEU B 172 -10.50 -5.78 -20.23
N LEU B 173 -9.49 -5.18 -19.61
CA LEU B 173 -8.57 -5.92 -18.76
C LEU B 173 -9.09 -5.88 -17.32
N ILE B 174 -8.78 -6.92 -16.56
CA ILE B 174 -9.20 -6.99 -15.16
C ILE B 174 -8.10 -6.45 -14.25
N ASP B 175 -8.47 -5.45 -13.46
CA ASP B 175 -7.62 -4.79 -12.49
C ASP B 175 -7.03 -5.76 -11.48
N GLN B 176 -5.98 -5.33 -10.79
CA GLN B 176 -5.39 -6.11 -9.69
C GLN B 176 -6.38 -6.28 -8.53
N GLN B 177 -7.34 -5.35 -8.42
CA GLN B 177 -8.36 -5.39 -7.37
C GLN B 177 -9.74 -5.79 -7.92
N GLY B 178 -9.73 -6.45 -9.08
CA GLY B 178 -10.95 -7.05 -9.64
C GLY B 178 -11.79 -6.17 -10.56
N TYR B 179 -11.44 -4.89 -10.66
CA TYR B 179 -12.18 -3.94 -11.49
C TYR B 179 -11.77 -4.02 -12.95
N ILE B 180 -12.30 -3.11 -13.77
CA ILE B 180 -12.00 -3.11 -15.21
C ILE B 180 -11.09 -1.95 -15.58
N GLN B 181 -10.23 -2.20 -16.56
CA GLN B 181 -9.47 -1.16 -17.21
C GLN B 181 -9.79 -1.27 -18.69
N VAL B 182 -10.25 -0.16 -19.29
CA VAL B 182 -10.53 -0.11 -20.73
C VAL B 182 -9.23 0.21 -21.44
N THR B 183 -8.92 -0.54 -22.51
CA THR B 183 -7.55 -0.58 -23.02
C THR B 183 -7.24 0.06 -24.37
N ASP B 184 -8.18 0.00 -25.32
CA ASP B 184 -7.86 0.42 -26.68
C ASP B 184 -8.52 1.74 -27.05
N PHE B 185 -7.84 2.58 -27.83
CA PHE B 185 -8.43 3.84 -28.28
C PHE B 185 -8.22 4.13 -29.76
N GLY B 186 -7.64 3.14 -30.46
CA GLY B 186 -7.39 3.24 -31.89
C GLY B 186 -8.55 3.71 -32.74
N PHE B 187 -9.76 3.29 -32.36
CA PHE B 187 -10.96 3.60 -33.13
C PHE B 187 -11.79 4.75 -32.60
N ALA B 188 -11.53 5.19 -31.37
CA ALA B 188 -12.32 6.24 -30.74
C ALA B 188 -12.26 7.57 -31.49
N LYS B 189 -13.40 8.21 -31.66
CA LYS B 189 -13.47 9.53 -32.29
C LYS B 189 -14.01 10.64 -31.35
N ARG B 190 -13.69 11.88 -31.65
CA ARG B 190 -14.35 13.01 -30.98
C ARG B 190 -15.26 13.74 -31.98
N VAL B 191 -16.55 13.45 -31.90
CA VAL B 191 -17.54 14.06 -32.80
C VAL B 191 -18.85 14.41 -32.12
N LYS B 192 -19.36 15.60 -32.42
CA LYS B 192 -20.63 16.06 -31.85
C LYS B 192 -21.77 15.63 -32.74
N GLY B 193 -21.56 15.70 -34.05
CA GLY B 193 -22.56 15.28 -35.02
C GLY B 193 -22.55 13.78 -35.25
N ARG B 194 -22.52 13.39 -36.51
CA ARG B 194 -22.54 11.98 -36.86
C ARG B 194 -21.25 11.58 -37.58
N THR B 195 -20.88 10.31 -37.45
CA THR B 195 -19.74 9.78 -38.20
C THR B 195 -20.13 8.60 -39.08
N TRP B 196 -19.21 8.16 -39.94
CA TRP B 196 -19.54 7.20 -40.99
C TRP B 196 -18.62 5.98 -41.09
N TPO B 197 -17.45 6.02 -40.45
CA TPO B 197 -16.42 4.98 -40.62
CB TPO B 197 -15.06 5.41 -40.02
CG2 TPO B 197 -13.90 4.55 -40.54
OG1 TPO B 197 -14.74 6.76 -40.35
P TPO B 197 -14.78 7.94 -39.25
O1P TPO B 197 -16.21 7.93 -38.75
O2P TPO B 197 -13.75 7.53 -38.24
O3P TPO B 197 -14.42 9.17 -40.04
C TPO B 197 -16.85 3.64 -40.07
O TPO B 197 -17.54 3.57 -39.06
N LEU B 198 -16.44 2.57 -40.75
CA LEU B 198 -16.57 1.23 -40.19
C LEU B 198 -15.51 1.06 -39.09
N CYS B 199 -15.95 0.59 -37.93
CA CYS B 199 -15.08 0.53 -36.77
C CYS B 199 -15.47 -0.63 -35.87
N GLY B 200 -14.50 -1.48 -35.58
CA GLY B 200 -14.68 -2.49 -34.54
C GLY B 200 -15.10 -3.84 -35.03
N THR B 201 -15.28 -4.74 -34.07
CA THR B 201 -15.68 -6.11 -34.29
C THR B 201 -17.13 -6.18 -34.80
N PRO B 202 -17.40 -7.04 -35.80
CA PRO B 202 -18.72 -7.23 -36.40
C PRO B 202 -19.89 -7.46 -35.45
N GLU B 203 -19.72 -8.30 -34.44
CA GLU B 203 -20.82 -8.67 -33.53
C GLU B 203 -21.25 -7.53 -32.60
N TYR B 204 -20.32 -6.64 -32.30
CA TYR B 204 -20.65 -5.50 -31.46
C TYR B 204 -21.07 -4.28 -32.27
N LEU B 205 -21.18 -4.45 -33.59
CA LEU B 205 -21.57 -3.36 -34.49
C LEU B 205 -23.06 -3.04 -34.40
N ALA B 206 -23.36 -1.79 -34.07
CA ALA B 206 -24.74 -1.29 -34.02
C ALA B 206 -25.33 -1.20 -35.42
N PRO B 207 -26.67 -1.32 -35.55
CA PRO B 207 -27.30 -1.34 -36.87
C PRO B 207 -26.92 -0.17 -37.79
N GLU B 208 -26.95 1.05 -37.27
CA GLU B 208 -26.67 2.26 -38.07
C GLU B 208 -25.40 2.15 -38.89
N ILE B 209 -24.34 1.67 -38.24
CA ILE B 209 -23.05 1.41 -38.87
C ILE B 209 -23.20 0.50 -40.10
N ILE B 210 -23.86 -0.65 -39.90
CA ILE B 210 -24.10 -1.61 -40.97
C ILE B 210 -24.99 -1.02 -42.06
N LEU B 211 -25.83 -0.06 -41.70
CA LEU B 211 -26.75 0.58 -42.63
C LEU B 211 -26.10 1.71 -43.43
N SER B 212 -24.80 1.91 -43.22
CA SER B 212 -23.99 2.86 -44.00
C SER B 212 -24.43 4.31 -43.87
N LYS B 213 -25.47 4.56 -43.08
CA LYS B 213 -25.87 5.92 -42.73
C LYS B 213 -25.01 6.41 -41.56
N GLY B 214 -25.11 7.69 -41.26
CA GLY B 214 -24.40 8.26 -40.12
C GLY B 214 -24.90 7.70 -38.79
N TYR B 215 -23.97 7.44 -37.88
CA TYR B 215 -24.30 7.03 -36.53
C TYR B 215 -23.73 8.02 -35.51
N ASN B 216 -23.99 7.78 -34.23
CA ASN B 216 -23.43 8.63 -33.16
C ASN B 216 -23.10 7.88 -31.86
N LYS B 217 -23.03 8.62 -30.75
CA LYS B 217 -22.65 8.07 -29.45
C LYS B 217 -23.53 6.91 -28.99
N ALA B 218 -24.71 6.79 -29.57
CA ALA B 218 -25.64 5.71 -29.22
C ALA B 218 -25.17 4.33 -29.72
N VAL B 219 -24.12 4.31 -30.53
CA VAL B 219 -23.54 3.06 -31.01
C VAL B 219 -22.88 2.28 -29.86
N ASP B 220 -22.41 3.03 -28.86
CA ASP B 220 -21.72 2.45 -27.73
C ASP B 220 -22.70 1.73 -26.81
N TRP B 221 -23.94 2.23 -26.78
CA TRP B 221 -24.96 1.75 -25.88
C TRP B 221 -25.53 0.43 -26.36
N TRP B 222 -25.72 0.34 -27.68
CA TRP B 222 -25.97 -0.94 -28.32
C TRP B 222 -24.89 -1.89 -27.87
N ALA B 223 -23.63 -1.50 -28.06
CA ALA B 223 -22.49 -2.34 -27.69
C ALA B 223 -22.52 -2.78 -26.23
N LEU B 224 -22.65 -1.82 -25.30
CA LEU B 224 -22.78 -2.10 -23.85
C LEU B 224 -23.82 -3.15 -23.57
N GLY B 225 -24.85 -3.18 -24.42
CA GLY B 225 -25.86 -4.24 -24.43
C GLY B 225 -25.25 -5.56 -24.79
N VAL B 226 -24.72 -5.64 -26.00
CA VAL B 226 -24.14 -6.88 -26.59
C VAL B 226 -23.12 -7.53 -25.65
N LEU B 227 -22.50 -6.70 -24.81
CA LEU B 227 -21.47 -7.17 -23.88
C LEU B 227 -22.10 -7.86 -22.67
N ILE B 228 -23.28 -7.38 -22.27
CA ILE B 228 -24.00 -7.95 -21.13
C ILE B 228 -24.54 -9.33 -21.50
N TYR B 229 -25.16 -9.40 -22.67
CA TYR B 229 -25.56 -10.67 -23.25
C TYR B 229 -24.36 -11.61 -23.33
N GLU B 230 -23.22 -11.09 -23.80
CA GLU B 230 -21.98 -11.88 -23.87
C GLU B 230 -21.51 -12.36 -22.50
N MET B 231 -21.53 -11.45 -21.52
CA MET B 231 -21.08 -11.75 -20.17
C MET B 231 -21.99 -12.77 -19.47
N ALA B 232 -23.30 -12.63 -19.66
CA ALA B 232 -24.28 -13.49 -19.00
C ALA B 232 -24.61 -14.79 -19.75
N ALA B 233 -24.47 -14.79 -21.07
CA ALA B 233 -24.76 -15.99 -21.87
C ALA B 233 -23.50 -16.78 -22.19
N GLY B 234 -22.34 -16.13 -22.10
CA GLY B 234 -21.07 -16.77 -22.41
C GLY B 234 -20.79 -16.79 -23.90
N TYR B 235 -21.52 -15.95 -24.63
CA TYR B 235 -21.39 -15.82 -26.09
C TYR B 235 -22.27 -14.66 -26.56
N PRO B 236 -22.05 -14.17 -27.80
CA PRO B 236 -22.75 -12.98 -28.27
C PRO B 236 -24.17 -13.26 -28.81
N PRO B 237 -25.07 -12.26 -28.71
CA PRO B 237 -26.45 -12.38 -29.22
C PRO B 237 -26.51 -12.60 -30.72
N PHE B 238 -25.63 -11.95 -31.47
CA PHE B 238 -25.60 -12.09 -32.93
C PHE B 238 -24.23 -12.57 -33.37
N PHE B 239 -24.17 -13.77 -33.94
CA PHE B 239 -22.97 -14.28 -34.60
C PHE B 239 -23.25 -15.52 -35.46
N ALA B 240 -22.46 -15.69 -36.52
CA ALA B 240 -22.55 -16.85 -37.42
C ALA B 240 -21.26 -17.15 -38.18
N ASP B 241 -21.29 -18.20 -39.00
CA ASP B 241 -20.11 -18.69 -39.74
C ASP B 241 -19.53 -17.72 -40.78
N GLN B 242 -20.31 -16.69 -41.13
CA GLN B 242 -19.88 -15.68 -42.11
C GLN B 242 -20.31 -14.27 -41.66
N PRO B 243 -19.40 -13.28 -41.78
CA PRO B 243 -19.65 -11.88 -41.39
C PRO B 243 -20.92 -11.26 -41.99
N ILE B 244 -21.26 -11.63 -43.22
CA ILE B 244 -22.48 -11.17 -43.87
C ILE B 244 -23.73 -11.63 -43.11
N GLN B 245 -23.72 -12.88 -42.66
CA GLN B 245 -24.84 -13.44 -41.88
C GLN B 245 -24.96 -12.76 -40.52
N ILE B 246 -23.82 -12.34 -39.97
CA ILE B 246 -23.80 -11.59 -38.71
C ILE B 246 -24.54 -10.27 -38.91
N TYR B 247 -24.36 -9.68 -40.09
CA TYR B 247 -24.96 -8.39 -40.44
C TYR B 247 -26.49 -8.46 -40.57
N GLU B 248 -26.96 -9.37 -41.41
CA GLU B 248 -28.40 -9.62 -41.58
C GLU B 248 -29.08 -9.80 -40.23
N LYS B 249 -28.52 -10.64 -39.38
CA LYS B 249 -29.09 -10.95 -38.07
C LYS B 249 -29.14 -9.73 -37.14
N ILE B 250 -28.08 -8.91 -37.17
CA ILE B 250 -28.04 -7.68 -36.38
C ILE B 250 -29.18 -6.76 -36.82
N VAL B 251 -29.32 -6.60 -38.14
CA VAL B 251 -30.36 -5.76 -38.72
C VAL B 251 -31.75 -6.33 -38.41
N SER B 252 -31.91 -7.64 -38.58
CA SER B 252 -33.15 -8.34 -38.22
C SER B 252 -33.60 -7.96 -36.82
N GLY B 253 -32.64 -7.82 -35.91
CA GLY B 253 -32.91 -7.29 -34.58
C GLY B 253 -33.44 -8.28 -33.56
N LYS B 254 -33.77 -9.50 -34.01
CA LYS B 254 -34.31 -10.52 -33.12
C LYS B 254 -33.20 -11.08 -32.22
N VAL B 255 -33.44 -11.04 -30.91
CA VAL B 255 -32.46 -11.50 -29.92
C VAL B 255 -33.08 -12.49 -28.94
N ARG B 256 -32.95 -13.78 -29.24
CA ARG B 256 -33.43 -14.83 -28.37
C ARG B 256 -32.53 -14.97 -27.13
N PHE B 257 -33.11 -14.75 -25.94
CA PHE B 257 -32.35 -14.87 -24.70
C PHE B 257 -32.28 -16.32 -24.20
N PRO B 258 -31.17 -16.66 -23.50
CA PRO B 258 -31.10 -17.92 -22.76
C PRO B 258 -32.11 -17.96 -21.63
N SER B 259 -32.55 -19.16 -21.26
CA SER B 259 -33.62 -19.33 -20.26
C SER B 259 -33.26 -18.80 -18.86
N HIS B 260 -32.03 -19.02 -18.43
CA HIS B 260 -31.58 -18.58 -17.10
C HIS B 260 -31.57 -17.06 -16.97
N PHE B 261 -31.57 -16.37 -18.11
CA PHE B 261 -31.66 -14.92 -18.17
C PHE B 261 -32.90 -14.46 -17.44
N SER B 262 -32.71 -13.57 -16.47
CA SER B 262 -33.84 -13.03 -15.71
C SER B 262 -34.68 -12.07 -16.54
N SER B 263 -36.00 -12.19 -16.42
CA SER B 263 -36.95 -11.32 -17.11
C SER B 263 -36.56 -9.84 -16.98
N ASP B 264 -36.09 -9.49 -15.77
CA ASP B 264 -35.59 -8.17 -15.45
C ASP B 264 -34.37 -7.79 -16.29
N LEU B 265 -33.42 -8.72 -16.40
CA LEU B 265 -32.23 -8.52 -17.23
C LEU B 265 -32.59 -8.47 -18.71
N LYS B 266 -33.59 -9.25 -19.12
CA LYS B 266 -34.04 -9.27 -20.51
C LYS B 266 -34.62 -7.91 -20.94
N ASP B 267 -35.28 -7.23 -20.00
CA ASP B 267 -35.85 -5.90 -20.24
C ASP B 267 -34.77 -4.91 -20.65
N LEU B 268 -33.67 -4.90 -19.89
CA LEU B 268 -32.54 -4.05 -20.22
C LEU B 268 -32.03 -4.40 -21.62
N LEU B 269 -31.76 -5.68 -21.86
CA LEU B 269 -31.29 -6.12 -23.17
C LEU B 269 -32.20 -5.71 -24.33
N ARG B 270 -33.51 -5.84 -24.16
CA ARG B 270 -34.47 -5.37 -25.17
C ARG B 270 -34.35 -3.87 -25.43
N ASN B 271 -34.17 -3.10 -24.35
CA ASN B 271 -34.08 -1.65 -24.41
C ASN B 271 -32.78 -1.10 -25.01
N LEU B 272 -31.67 -1.78 -24.75
CA LEU B 272 -30.38 -1.43 -25.35
C LEU B 272 -30.30 -1.91 -26.79
N LEU B 273 -30.64 -3.18 -26.99
CA LEU B 273 -30.55 -3.81 -28.31
C LEU B 273 -31.71 -3.38 -29.21
N GLN B 274 -32.13 -2.13 -29.05
CA GLN B 274 -33.20 -1.56 -29.85
C GLN B 274 -32.66 -1.05 -31.18
N VAL B 275 -33.15 -1.62 -32.27
CA VAL B 275 -32.78 -1.20 -33.63
C VAL B 275 -33.29 0.22 -33.92
N ASP B 276 -34.37 0.60 -33.22
CA ASP B 276 -34.96 1.92 -33.38
C ASP B 276 -34.26 2.92 -32.47
N LEU B 277 -33.42 3.76 -33.06
CA LEU B 277 -32.70 4.81 -32.34
C LEU B 277 -33.57 5.64 -31.38
N THR B 278 -34.79 5.98 -31.81
CA THR B 278 -35.71 6.79 -31.01
C THR B 278 -36.19 6.08 -29.73
N LYS B 279 -35.93 4.79 -29.63
CA LYS B 279 -36.36 4.00 -28.47
C LYS B 279 -35.21 3.40 -27.64
N ARG B 280 -34.02 3.34 -28.24
CA ARG B 280 -32.84 2.79 -27.58
C ARG B 280 -32.51 3.54 -26.29
N PHE B 281 -32.34 2.78 -25.21
CA PHE B 281 -31.93 3.33 -23.92
C PHE B 281 -30.57 4.01 -24.01
N GLY B 282 -30.40 5.10 -23.26
CA GLY B 282 -29.18 5.92 -23.30
C GLY B 282 -29.16 6.89 -24.48
N ASN B 283 -30.33 7.14 -25.04
CA ASN B 283 -30.48 8.01 -26.21
C ASN B 283 -31.66 8.96 -26.02
N LEU B 284 -32.52 8.59 -25.08
CA LEU B 284 -33.76 9.31 -24.80
C LEU B 284 -33.54 10.55 -23.92
N LYS B 285 -34.63 11.26 -23.62
CA LYS B 285 -34.61 12.49 -22.80
C LYS B 285 -33.72 12.42 -21.55
N ASN B 286 -33.83 11.31 -20.81
CA ASN B 286 -33.06 11.10 -19.59
C ASN B 286 -31.64 10.61 -19.87
N GLY B 287 -31.36 10.25 -21.12
CA GLY B 287 -30.03 9.79 -21.51
C GLY B 287 -29.59 8.55 -20.74
N VAL B 288 -28.43 8.64 -20.10
CA VAL B 288 -27.84 7.53 -19.35
C VAL B 288 -28.72 7.07 -18.20
N ASN B 289 -29.32 8.04 -17.51
CA ASN B 289 -30.11 7.78 -16.31
C ASN B 289 -31.21 6.74 -16.49
N ASP B 290 -31.66 6.56 -17.72
CA ASP B 290 -32.63 5.50 -18.03
C ASP B 290 -32.03 4.11 -17.79
N ILE B 291 -30.72 4.00 -17.97
CA ILE B 291 -30.02 2.77 -17.64
C ILE B 291 -29.71 2.72 -16.14
N LYS B 292 -29.13 3.80 -15.62
CA LYS B 292 -28.80 3.90 -14.19
C LYS B 292 -29.98 3.62 -13.27
N ASN B 293 -31.18 4.08 -13.65
CA ASN B 293 -32.38 3.90 -12.84
C ASN B 293 -33.19 2.64 -13.18
N HIS B 294 -32.77 1.90 -14.21
CA HIS B 294 -33.42 0.67 -14.64
C HIS B 294 -33.35 -0.39 -13.56
N LYS B 295 -34.39 -1.22 -13.49
CA LYS B 295 -34.58 -2.22 -12.42
C LYS B 295 -33.42 -3.19 -12.18
N TRP B 296 -32.66 -3.50 -13.24
CA TRP B 296 -31.57 -4.46 -13.15
C TRP B 296 -30.38 -3.88 -12.38
N PHE B 297 -30.19 -2.56 -12.52
CA PHE B 297 -29.13 -1.84 -11.80
C PHE B 297 -29.65 -1.23 -10.49
N ALA B 298 -30.85 -1.63 -10.07
CA ALA B 298 -31.44 -1.11 -8.83
C ALA B 298 -30.63 -1.47 -7.58
N THR B 299 -29.89 -2.58 -7.68
CA THR B 299 -29.04 -3.07 -6.59
C THR B 299 -27.69 -2.35 -6.50
N THR B 300 -27.28 -1.71 -7.60
CA THR B 300 -25.92 -1.17 -7.73
C THR B 300 -25.75 0.25 -7.18
N ASP B 301 -24.60 0.47 -6.55
CA ASP B 301 -24.22 1.74 -5.92
C ASP B 301 -23.16 2.45 -6.77
N TRP B 302 -23.62 3.34 -7.65
CA TRP B 302 -22.78 3.99 -8.67
C TRP B 302 -21.60 4.78 -8.11
N ILE B 303 -21.86 5.64 -7.13
CA ILE B 303 -20.80 6.42 -6.48
C ILE B 303 -19.74 5.50 -5.87
N ALA B 304 -20.19 4.37 -5.30
CA ALA B 304 -19.29 3.36 -4.73
C ALA B 304 -18.51 2.59 -5.80
N ILE B 305 -19.18 2.31 -6.92
CA ILE B 305 -18.54 1.69 -8.08
C ILE B 305 -17.45 2.62 -8.64
N TYR B 306 -17.77 3.91 -8.75
CA TYR B 306 -16.80 4.93 -9.14
C TYR B 306 -15.65 5.05 -8.13
N GLN B 307 -15.97 4.98 -6.85
CA GLN B 307 -14.93 5.07 -5.81
C GLN B 307 -14.22 3.74 -5.59
N ARG B 308 -14.68 2.71 -6.29
CA ARG B 308 -14.09 1.37 -6.26
C ARG B 308 -14.19 0.67 -4.89
N LYS B 309 -15.15 1.11 -4.08
CA LYS B 309 -15.31 0.58 -2.71
C LYS B 309 -16.12 -0.71 -2.67
N VAL B 310 -16.59 -1.16 -3.83
CA VAL B 310 -17.38 -2.40 -3.94
C VAL B 310 -16.44 -3.60 -4.09
N GLU B 311 -16.73 -4.66 -3.35
CA GLU B 311 -15.95 -5.90 -3.44
C GLU B 311 -16.14 -6.59 -4.80
N ALA B 312 -15.03 -6.90 -5.46
CA ALA B 312 -15.03 -7.54 -6.77
C ALA B 312 -15.51 -8.99 -6.70
N PRO B 313 -16.26 -9.44 -7.72
CA PRO B 313 -16.75 -10.82 -7.81
C PRO B 313 -15.64 -11.86 -7.90
N PHE B 314 -14.52 -11.50 -8.50
CA PHE B 314 -13.31 -12.34 -8.45
C PHE B 314 -12.03 -11.56 -8.77
N ILE B 315 -10.93 -12.00 -8.17
CA ILE B 315 -9.62 -11.37 -8.39
C ILE B 315 -8.67 -12.33 -9.10
N PRO B 316 -8.09 -11.90 -10.24
CA PRO B 316 -7.14 -12.68 -11.02
C PRO B 316 -5.96 -13.16 -10.19
N LYS B 317 -5.24 -14.16 -10.70
CA LYS B 317 -4.21 -14.88 -9.96
C LYS B 317 -3.23 -14.02 -9.16
N PHE B 318 -2.84 -12.87 -9.73
CA PHE B 318 -1.95 -11.91 -9.03
C PHE B 318 -0.49 -12.40 -8.94
N LYS B 319 0.31 -11.65 -8.18
CA LYS B 319 1.72 -11.95 -7.87
C LYS B 319 2.64 -11.29 -8.88
N GLY B 320 2.02 -10.71 -9.90
CA GLY B 320 2.69 -9.82 -10.84
C GLY B 320 3.54 -10.51 -11.88
N PRO B 321 3.28 -10.21 -13.15
CA PRO B 321 4.13 -10.64 -14.25
C PRO B 321 5.52 -9.99 -14.16
N GLY B 322 5.65 -8.95 -13.34
CA GLY B 322 6.95 -8.43 -12.95
C GLY B 322 7.67 -9.57 -12.26
N ASP B 323 8.73 -10.06 -12.91
CA ASP B 323 9.48 -11.26 -12.50
C ASP B 323 8.75 -12.59 -12.81
N THR B 324 7.66 -12.50 -13.56
CA THR B 324 6.88 -13.69 -13.94
C THR B 324 6.50 -13.72 -15.43
N SER B 325 7.53 -13.66 -16.29
CA SER B 325 7.32 -13.73 -17.73
C SER B 325 8.06 -14.92 -18.35
N ASN B 326 7.28 -15.80 -18.99
CA ASN B 326 7.82 -16.92 -19.76
C ASN B 326 7.82 -16.62 -21.26
N PHE B 327 7.05 -15.60 -21.64
CA PHE B 327 6.91 -15.14 -23.04
C PHE B 327 8.25 -14.79 -23.71
N ASP B 328 9.15 -14.19 -22.93
CA ASP B 328 10.50 -13.88 -23.39
C ASP B 328 11.35 -15.13 -23.60
N ASP B 329 12.66 -14.94 -23.80
CA ASP B 329 13.57 -15.96 -24.33
C ASP B 329 13.39 -16.09 -25.85
N TYR B 330 12.55 -15.21 -26.38
CA TYR B 330 12.41 -15.01 -27.83
C TYR B 330 13.71 -14.39 -28.34
N GLU B 331 14.08 -14.72 -29.57
CA GLU B 331 15.28 -14.15 -30.19
C GLU B 331 15.10 -12.66 -30.53
N GLU B 332 14.50 -11.93 -29.58
CA GLU B 332 14.26 -10.50 -29.69
C GLU B 332 15.49 -9.69 -29.29
N GLU B 333 15.89 -8.77 -30.17
CA GLU B 333 17.05 -7.91 -29.93
C GLU B 333 16.62 -6.46 -29.75
N GLU B 334 17.34 -5.76 -28.86
CA GLU B 334 17.04 -4.38 -28.47
C GLU B 334 16.83 -3.41 -29.64
N ILE B 335 16.00 -2.41 -29.42
CA ILE B 335 15.66 -1.41 -30.43
C ILE B 335 16.78 -0.39 -30.64
N ARG B 336 17.19 -0.23 -31.89
CA ARG B 336 18.26 0.72 -32.25
C ARG B 336 17.70 2.10 -32.58
N VAL B 337 18.32 3.14 -32.03
CA VAL B 337 17.93 4.51 -32.32
C VAL B 337 18.86 5.07 -33.40
N SEP B 338 18.30 5.23 -34.59
CA SEP B 338 19.03 5.70 -35.77
CB SEP B 338 18.13 5.66 -37.01
OG SEP B 338 18.65 6.43 -38.08
C SEP B 338 19.64 7.09 -35.60
O SEP B 338 19.18 7.90 -34.79
P SEP B 338 19.34 5.49 -39.19
O1P SEP B 338 18.49 4.14 -39.42
O2P SEP B 338 19.44 6.27 -40.59
O3P SEP B 338 20.82 5.13 -38.68
N ILE B 339 20.68 7.37 -36.39
CA ILE B 339 21.34 8.68 -36.38
C ILE B 339 20.50 9.74 -37.10
N ASN B 340 19.63 9.29 -38.00
CA ASN B 340 18.77 10.16 -38.79
C ASN B 340 17.33 10.19 -38.30
N GLU B 341 16.72 11.38 -38.29
CA GLU B 341 15.34 11.54 -37.83
C GLU B 341 14.34 11.14 -38.90
N LYS B 342 13.75 9.96 -38.73
CA LYS B 342 12.77 9.44 -39.68
C LYS B 342 11.38 10.02 -39.41
N CYS B 343 10.76 10.55 -40.46
CA CYS B 343 9.37 11.03 -40.43
C CYS B 343 9.10 12.07 -39.33
N GLY B 344 9.98 13.07 -39.24
CA GLY B 344 9.87 14.11 -38.22
C GLY B 344 8.75 15.12 -38.42
N LYS B 345 8.19 15.14 -39.63
CA LYS B 345 7.09 16.04 -39.99
C LYS B 345 5.74 15.38 -39.79
N GLU B 346 5.70 14.06 -39.94
CA GLU B 346 4.46 13.29 -39.84
C GLU B 346 3.98 13.16 -38.39
N PHE B 347 4.93 13.04 -37.47
CA PHE B 347 4.62 12.88 -36.05
C PHE B 347 5.05 14.09 -35.22
N THR B 348 4.97 15.27 -35.82
CA THR B 348 5.31 16.53 -35.16
C THR B 348 4.43 16.79 -33.95
N GLU B 349 3.13 16.58 -34.13
CA GLU B 349 2.14 16.85 -33.09
C GLU B 349 2.28 15.90 -31.91
N PHE B 350 2.78 14.69 -32.18
CA PHE B 350 2.99 13.66 -31.17
C PHE B 350 3.90 14.17 -30.04
C11 MYR C . 7.67 -16.06 15.25
C12 MYR C . 6.51 -15.22 15.78
C13 MYR C . 6.39 -15.31 17.30
C14 MYR C . 5.96 -13.98 17.90
#